data_7ZUP
#
_entry.id   7ZUP
#
_cell.length_a   104.282
_cell.length_b   138.654
_cell.length_c   178.871
_cell.angle_alpha   90.000
_cell.angle_beta   90.000
_cell.angle_gamma   90.000
#
_symmetry.space_group_name_H-M   'I 2 2 2'
#
loop_
_entity.id
_entity.type
_entity.pdbx_description
1 polymer 'Protein arginine N-methyltransferase 5'
2 polymer 'Methylosome protein 50'
3 non-polymer "5'-DEOXY-5'-METHYLTHIOADENOSINE"
4 non-polymer 3-ethylimidazo[4,5-b]pyridin-2-amine
5 non-polymer GLYCEROL
6 water water
#
loop_
_entity_poly.entity_id
_entity_poly.type
_entity_poly.pdbx_seq_one_letter_code
_entity_poly.pdbx_strand_id
1 'polypeptide(L)'
;MDYKDDDDKAAMAVGGAGGSRVSSGRDLNCVPEIADTLGAVAKQGFDFLCMPVFHPRFKREFIQEPAKNRPGPQTRSDLL
LSGRDWNTLIVGKLSPWIRPDSKVEKIRRNSEAAMLQELNFGAYLGLPAFLLPLNQEDNTNLARVLTNHIHTGHHSSMFW
MRVPLVAPEDLRDDIIENAPTTHTEEYSGEEKTWMWWHNFRTLCDYSKRIAVALEIGADLPSNHVIDRWLGEPIKAAILP
TSIFLTNKKGFPVLSKMHQRLIFRLLKLEVQFIITGTNHHSEKEFCSYLQYLEYLSQNRPPPNAYELFAKGYEDYLQSPL
QPLMDNLESQTYEVFEKDPIKYSQYQQAIYKCLLDRVPEEEKDTNVQVLMVLGAGRGPLVNASLRAAKQADRRIKLYAVE
KNPNAVVTLENWQFEEWGSQVTVVSSDMREWVAPEKADIIVSELLGSFADNELSPECLDGAQHFLKDDGVSIPGEYTSFL
APISSSKLYNEVRACREKDRDPEAQFEMPYVVRLHNFHQLSAPQPCFTFSHPNRDPMIDNNRYCTLEFPVEVNTVLHGFA
GYFETVLYQDITLSIRPETHSPGMFSWFPILFPIKQPITVREGQTICVRFWRCSNSKKVWYEWAVTAPVCSAIHNPTGRS
YTIGL
;
A
2 'polypeptide(L)'
;MHHHHHHHHRKETPPPLVPPAAREWNLPPNAPACMERQLEAARYRSDGALLLGASSLSGRCWAGSLWLFKDPCAAPNEGF
CSAGVQTEAGVADLTWVGERGILVASDSGAVELWELDENETLIVSKFCKYEHDDIVSTVSVLSSGTQAVSGSKDICIKVW
DLAQQVVLSSYRAHAAQVTCVAASPHKDSVFLSCSEDNRILLWDTRCPKPASQIGCSAPGYLPTSLAWHPQQSEVFVFGD
ENGTVSLVDTKSTSCVLSSAVHSQCVTGLVFSPHSVPFLASLSEDCSLAVLDSSLSELFRSQAHRDFVRDATWSPLNHSL
LTTVGWDHQVVHHVVPTEPLPAPGPASVTE
;
B
#
# COMPACT_ATOMS: atom_id res chain seq x y z
N ARG A 21 8.92 4.06 -18.52
CA ARG A 21 9.70 3.34 -17.46
C ARG A 21 8.92 3.49 -16.16
N VAL A 22 9.51 4.12 -15.13
CA VAL A 22 9.06 4.02 -13.70
C VAL A 22 8.57 5.39 -13.23
N SER A 23 7.41 5.43 -12.58
CA SER A 23 6.97 6.63 -11.82
C SER A 23 7.30 6.43 -10.35
N SER A 24 8.10 7.32 -9.79
CA SER A 24 8.56 7.25 -8.37
C SER A 24 8.62 8.63 -7.74
N GLY A 25 8.59 8.65 -6.41
CA GLY A 25 8.50 9.87 -5.59
C GLY A 25 9.35 9.75 -4.34
N ARG A 26 9.60 10.88 -3.71
CA ARG A 26 10.42 10.99 -2.48
C ARG A 26 9.48 11.14 -1.28
N ASP A 27 9.71 10.37 -0.23
CA ASP A 27 8.97 10.55 1.04
C ASP A 27 9.90 11.30 1.98
N LEU A 28 9.46 12.43 2.52
CA LEU A 28 10.24 13.21 3.50
C LEU A 28 9.35 13.52 4.69
N ASN A 29 9.95 13.71 5.85
CA ASN A 29 9.20 14.16 7.06
C ASN A 29 9.91 15.40 7.59
N CYS A 30 10.71 16.03 6.71
CA CYS A 30 11.44 17.32 6.94
C CYS A 30 11.45 18.15 5.65
N VAL A 31 10.74 19.29 5.68
CA VAL A 31 10.67 20.27 4.55
C VAL A 31 10.83 21.67 5.15
N PRO A 32 12.08 22.18 5.27
CA PRO A 32 12.31 23.52 5.81
C PRO A 32 11.73 24.63 4.93
N GLU A 33 11.96 24.53 3.61
CA GLU A 33 11.40 25.43 2.58
C GLU A 33 10.87 24.55 1.46
N ILE A 34 9.57 24.65 1.18
CA ILE A 34 8.84 23.70 0.30
C ILE A 34 9.24 23.93 -1.17
N ALA A 35 9.54 25.19 -1.50
CA ALA A 35 10.14 25.66 -2.77
C ALA A 35 11.39 24.85 -3.09
N ASP A 36 12.39 24.94 -2.21
CA ASP A 36 13.73 24.34 -2.41
C ASP A 36 13.58 22.82 -2.44
N THR A 37 12.98 22.24 -1.40
CA THR A 37 12.77 20.77 -1.27
C THR A 37 12.23 20.22 -2.59
N LEU A 38 11.15 20.81 -3.10
CA LEU A 38 10.48 20.32 -4.33
C LEU A 38 11.46 20.41 -5.51
N GLY A 39 12.13 21.54 -5.67
CA GLY A 39 13.14 21.72 -6.73
C GLY A 39 14.20 20.64 -6.63
N ALA A 40 14.80 20.50 -5.44
CA ALA A 40 15.83 19.49 -5.12
C ALA A 40 15.37 18.12 -5.62
N VAL A 41 14.19 17.65 -5.20
CA VAL A 41 13.72 16.26 -5.44
C VAL A 41 13.40 16.11 -6.93
N ALA A 42 12.97 17.19 -7.57
CA ALA A 42 12.74 17.25 -9.03
C ALA A 42 14.11 17.10 -9.71
N LYS A 43 15.08 17.91 -9.27
CA LYS A 43 16.50 17.86 -9.76
C LYS A 43 16.99 16.41 -9.74
N GLN A 44 16.65 15.68 -8.67
CA GLN A 44 17.07 14.28 -8.41
C GLN A 44 16.29 13.28 -9.29
N GLY A 45 15.17 13.68 -9.91
CA GLY A 45 14.49 12.84 -10.91
C GLY A 45 13.18 12.27 -10.40
N PHE A 46 12.73 12.69 -9.22
CA PHE A 46 11.43 12.23 -8.64
C PHE A 46 10.28 12.89 -9.40
N ASP A 47 9.22 12.13 -9.67
CA ASP A 47 7.95 12.60 -10.28
C ASP A 47 7.11 13.38 -9.29
N PHE A 48 7.26 13.11 -7.99
CA PHE A 48 6.43 13.74 -6.93
C PHE A 48 7.08 13.58 -5.55
N LEU A 49 6.50 14.23 -4.55
CA LEU A 49 7.08 14.40 -3.21
C LEU A 49 5.98 14.11 -2.19
N CYS A 50 6.20 13.21 -1.24
CA CYS A 50 5.28 12.97 -0.10
C CYS A 50 5.77 13.78 1.10
N MET A 51 4.93 14.60 1.71
CA MET A 51 5.41 15.51 2.77
C MET A 51 4.28 15.89 3.70
N PRO A 52 4.60 16.37 4.91
CA PRO A 52 3.58 16.86 5.83
C PRO A 52 2.95 18.14 5.29
N VAL A 53 1.69 18.35 5.64
CA VAL A 53 0.91 19.56 5.28
C VAL A 53 0.95 20.50 6.49
N PHE A 54 1.04 19.93 7.68
CA PHE A 54 1.38 20.61 8.95
C PHE A 54 2.71 20.07 9.44
N HIS A 55 3.41 20.82 10.29
CA HIS A 55 4.74 20.40 10.81
C HIS A 55 4.58 19.17 11.69
N PRO A 56 5.26 18.04 11.39
CA PRO A 56 4.99 16.77 12.08
C PRO A 56 5.02 16.83 13.61
N ARG A 57 5.75 17.79 14.19
CA ARG A 57 5.92 17.92 15.66
C ARG A 57 4.94 18.96 16.21
N PHE A 58 4.11 19.57 15.37
CA PHE A 58 3.24 20.72 15.77
C PHE A 58 1.90 20.20 16.32
N LYS A 59 1.93 19.46 17.44
CA LYS A 59 0.70 19.04 18.14
C LYS A 59 -0.17 20.27 18.43
N ARG A 60 -1.47 20.14 18.21
CA ARG A 60 -2.48 21.22 18.31
C ARG A 60 -3.51 20.81 19.35
N GLU A 61 -3.97 21.76 20.16
CA GLU A 61 -5.07 21.56 21.13
C GLU A 61 -6.34 22.14 20.52
N PHE A 62 -7.48 21.45 20.64
CA PHE A 62 -8.80 21.88 20.09
C PHE A 62 -9.80 22.18 21.22
N ILE A 63 -9.59 21.68 22.43
CA ILE A 63 -10.65 21.75 23.49
C ILE A 63 -10.16 22.60 24.68
N GLN A 64 -8.97 22.31 25.24
CA GLN A 64 -8.50 22.85 26.56
C GLN A 64 -7.77 24.20 26.36
N GLU A 65 -8.19 25.20 27.13
CA GLU A 65 -7.52 26.52 27.24
C GLU A 65 -6.32 26.36 28.18
N PRO A 66 -5.18 27.03 27.93
CA PRO A 66 -5.04 28.03 26.88
C PRO A 66 -4.58 27.58 25.49
N ALA A 67 -3.93 26.41 25.39
CA ALA A 67 -3.26 25.89 24.16
C ALA A 67 -4.16 26.04 22.93
N LYS A 68 -5.45 25.77 23.09
CA LYS A 68 -6.54 25.93 22.08
C LYS A 68 -6.40 27.26 21.31
N ASN A 69 -6.14 28.38 22.01
CA ASN A 69 -6.14 29.73 21.39
C ASN A 69 -4.74 30.06 20.85
N ARG A 70 -3.92 29.06 20.59
CA ARG A 70 -2.58 29.24 19.97
C ARG A 70 -2.71 30.14 18.73
N PRO A 71 -2.18 31.39 18.77
CA PRO A 71 -2.22 32.27 17.60
C PRO A 71 -1.66 31.55 16.38
N GLY A 72 -2.29 31.74 15.21
CA GLY A 72 -1.92 31.07 13.95
C GLY A 72 -0.72 31.78 13.33
N PRO A 73 -0.33 31.52 12.07
CA PRO A 73 -0.95 30.49 11.22
C PRO A 73 -0.75 29.06 11.72
N GLN A 74 -1.69 28.17 11.40
CA GLN A 74 -1.65 26.74 11.80
C GLN A 74 -0.69 25.97 10.87
N THR A 75 -0.42 26.47 9.67
CA THR A 75 0.64 25.87 8.81
C THR A 75 1.09 26.86 7.74
N ARG A 76 1.83 26.36 6.76
CA ARG A 76 2.46 27.19 5.71
C ARG A 76 1.41 27.41 4.60
N SER A 77 1.50 28.57 3.94
CA SER A 77 0.52 29.08 2.95
C SER A 77 0.45 28.20 1.70
N ASP A 78 -0.78 27.91 1.24
CA ASP A 78 -1.15 27.34 -0.08
C ASP A 78 -0.62 28.18 -1.25
N LEU A 79 -0.28 29.44 -1.02
CA LEU A 79 0.28 30.33 -2.07
C LEU A 79 1.70 29.93 -2.46
N LEU A 80 2.36 29.06 -1.69
CA LEU A 80 3.79 28.73 -1.89
C LEU A 80 3.99 27.80 -3.10
N LEU A 81 2.96 27.11 -3.58
CA LEU A 81 3.03 26.45 -4.92
C LEU A 81 1.84 26.90 -5.78
N SER A 82 1.96 26.63 -7.07
CA SER A 82 0.87 26.72 -8.07
C SER A 82 -0.17 25.63 -7.77
N GLY A 83 -1.43 25.92 -8.09
CA GLY A 83 -2.51 24.92 -8.10
C GLY A 83 -2.04 23.67 -8.79
N ARG A 84 -1.35 23.82 -9.92
CA ARG A 84 -0.92 22.69 -10.79
C ARG A 84 0.03 21.78 -10.02
N ASP A 85 0.97 22.36 -9.25
CA ASP A 85 1.95 21.61 -8.42
C ASP A 85 1.20 20.83 -7.33
N TRP A 86 0.40 21.52 -6.52
CA TRP A 86 -0.46 20.89 -5.49
C TRP A 86 -1.24 19.73 -6.14
N ASN A 87 -1.66 19.89 -7.39
CA ASN A 87 -2.55 18.90 -8.05
C ASN A 87 -1.74 17.68 -8.47
N THR A 88 -0.45 17.83 -8.76
CA THR A 88 0.32 16.78 -9.50
C THR A 88 1.59 16.32 -8.76
N LEU A 89 2.25 17.18 -8.01
CA LEU A 89 3.60 16.87 -7.48
C LEU A 89 3.56 16.51 -5.99
N ILE A 90 2.44 16.71 -5.29
CA ILE A 90 2.45 16.63 -3.80
C ILE A 90 1.47 15.55 -3.35
N VAL A 91 1.97 14.63 -2.52
CA VAL A 91 1.15 13.69 -1.70
C VAL A 91 1.29 14.12 -0.24
N GLY A 92 0.15 14.29 0.44
CA GLY A 92 0.10 14.74 1.84
C GLY A 92 0.37 13.58 2.77
N LYS A 93 0.69 13.87 4.03
CA LYS A 93 0.98 12.87 5.09
C LYS A 93 0.24 13.27 6.36
N LEU A 94 -0.53 12.35 6.93
CA LEU A 94 -1.13 12.59 8.27
C LEU A 94 0.02 12.81 9.27
N SER A 95 -0.10 13.77 10.18
CA SER A 95 0.93 14.00 11.23
C SER A 95 1.03 12.75 12.10
N PRO A 96 2.25 12.37 12.57
CA PRO A 96 2.46 11.08 13.26
C PRO A 96 1.97 11.03 14.71
N TRP A 97 1.77 12.19 15.36
CA TRP A 97 1.16 12.31 16.72
C TRP A 97 -0.34 12.05 16.67
N ILE A 98 -0.96 12.09 15.49
CA ILE A 98 -2.45 11.96 15.40
C ILE A 98 -2.80 10.48 15.63
N ARG A 99 -3.47 10.18 16.74
CA ARG A 99 -3.78 8.77 17.12
C ARG A 99 -5.26 8.65 17.47
N PRO A 100 -6.11 8.44 16.44
CA PRO A 100 -7.57 8.43 16.63
C PRO A 100 -8.03 7.27 17.52
N ASP A 101 -7.19 6.25 17.66
CA ASP A 101 -7.56 5.00 18.35
C ASP A 101 -6.87 4.94 19.71
N SER A 102 -6.08 5.96 20.09
CA SER A 102 -5.57 6.15 21.47
C SER A 102 -6.65 5.70 22.47
N LYS A 103 -6.22 5.07 23.57
CA LYS A 103 -7.11 4.63 24.67
C LYS A 103 -7.30 5.82 25.64
N VAL A 104 -6.54 6.90 25.44
CA VAL A 104 -6.64 8.16 26.22
C VAL A 104 -7.70 9.02 25.53
N GLU A 105 -8.81 9.30 26.23
CA GLU A 105 -9.99 9.96 25.62
C GLU A 105 -9.56 11.27 24.98
N LYS A 106 -8.81 12.12 25.70
CA LYS A 106 -8.46 13.47 25.22
C LYS A 106 -7.56 13.36 24.01
N ILE A 107 -6.64 12.38 23.95
CA ILE A 107 -5.77 12.23 22.75
C ILE A 107 -6.64 11.86 21.56
N ARG A 108 -7.63 11.00 21.79
CA ARG A 108 -8.57 10.51 20.75
C ARG A 108 -9.34 11.70 20.17
N ARG A 109 -9.90 12.58 21.02
CA ARG A 109 -10.71 13.75 20.63
C ARG A 109 -9.85 14.73 19.83
N ASN A 110 -8.64 15.07 20.27
CA ASN A 110 -7.74 15.99 19.50
C ASN A 110 -7.34 15.33 18.17
N SER A 111 -7.06 14.04 18.19
CA SER A 111 -6.61 13.29 16.99
C SER A 111 -7.75 13.27 15.94
N GLU A 112 -9.01 13.11 16.36
CA GLU A 112 -10.18 13.24 15.44
C GLU A 112 -10.15 14.62 14.77
N ALA A 113 -10.12 15.69 15.58
CA ALA A 113 -10.16 17.10 15.11
C ALA A 113 -8.98 17.38 14.16
N ALA A 114 -7.79 16.90 14.51
CA ALA A 114 -6.54 17.16 13.77
C ALA A 114 -6.55 16.39 12.45
N MET A 115 -7.15 15.21 12.44
CA MET A 115 -7.17 14.31 11.26
C MET A 115 -8.09 14.93 10.21
N LEU A 116 -9.28 15.34 10.65
CA LEU A 116 -10.24 16.16 9.87
C LEU A 116 -9.52 17.39 9.31
N GLN A 117 -8.95 18.19 10.24
CA GLN A 117 -8.24 19.44 9.88
C GLN A 117 -7.26 19.12 8.76
N GLU A 118 -6.44 18.09 8.90
CA GLU A 118 -5.33 17.82 7.95
C GLU A 118 -5.92 17.31 6.64
N LEU A 119 -6.92 16.43 6.69
CA LEU A 119 -7.57 15.89 5.47
C LEU A 119 -8.26 17.03 4.70
N ASN A 120 -9.06 17.85 5.39
CA ASN A 120 -9.74 19.02 4.81
C ASN A 120 -8.68 19.92 4.14
N PHE A 121 -7.49 20.08 4.73
CA PHE A 121 -6.45 20.92 4.11
C PHE A 121 -5.97 20.28 2.80
N GLY A 122 -5.72 18.97 2.79
CA GLY A 122 -5.29 18.29 1.56
C GLY A 122 -6.31 18.51 0.45
N ALA A 123 -7.59 18.47 0.80
CA ALA A 123 -8.73 18.60 -0.14
C ALA A 123 -8.81 20.04 -0.65
N TYR A 124 -8.72 21.01 0.25
CA TYR A 124 -8.53 22.46 -0.03
C TYR A 124 -7.43 22.69 -1.07
N LEU A 125 -6.32 21.99 -0.93
CA LEU A 125 -5.14 22.12 -1.82
C LEU A 125 -5.32 21.33 -3.11
N GLY A 126 -6.30 20.42 -3.15
CA GLY A 126 -6.55 19.52 -4.28
C GLY A 126 -5.40 18.56 -4.48
N LEU A 127 -4.92 17.93 -3.40
CA LEU A 127 -3.83 16.94 -3.47
C LEU A 127 -4.40 15.68 -4.12
N PRO A 128 -3.60 15.02 -4.99
CA PRO A 128 -4.06 13.84 -5.72
C PRO A 128 -4.02 12.56 -4.87
N ALA A 129 -3.22 12.55 -3.81
CA ALA A 129 -3.25 11.49 -2.78
C ALA A 129 -2.77 12.03 -1.43
N PHE A 130 -3.03 11.25 -0.39
CA PHE A 130 -2.78 11.58 1.01
C PHE A 130 -2.51 10.25 1.74
N LEU A 131 -1.36 10.14 2.41
CA LEU A 131 -0.83 8.91 3.06
C LEU A 131 -1.32 8.83 4.50
N LEU A 132 -1.83 7.66 4.89
CA LEU A 132 -2.26 7.36 6.28
C LEU A 132 -1.74 5.99 6.71
N PRO A 133 -1.15 5.89 7.92
CA PRO A 133 -0.60 4.63 8.41
C PRO A 133 -1.65 3.62 8.88
N LEU A 134 -1.44 2.35 8.54
CA LEU A 134 -1.96 1.21 9.31
C LEU A 134 -0.74 0.57 9.99
N ASN A 135 -0.47 1.02 11.20
CA ASN A 135 0.78 0.71 11.94
C ASN A 135 0.41 -0.09 13.19
N GLN A 136 -0.83 -0.55 13.31
CA GLN A 136 -1.28 -1.44 14.39
C GLN A 136 -2.56 -2.12 13.94
N GLU A 137 -3.16 -2.91 14.84
CA GLU A 137 -4.32 -3.77 14.53
C GLU A 137 -5.62 -2.98 14.57
N ASP A 138 -5.86 -2.17 15.60
CA ASP A 138 -7.16 -1.46 15.80
C ASP A 138 -7.12 -0.07 15.16
N ASN A 139 -7.75 0.08 14.00
CA ASN A 139 -7.84 1.37 13.26
C ASN A 139 -9.31 1.76 13.06
N THR A 140 -10.16 1.36 14.00
CA THR A 140 -11.63 1.50 13.88
C THR A 140 -11.97 2.99 13.83
N ASN A 141 -11.51 3.76 14.80
CA ASN A 141 -11.86 5.20 14.90
C ASN A 141 -11.20 5.96 13.75
N LEU A 142 -9.99 5.58 13.33
CA LEU A 142 -9.34 6.14 12.12
C LEU A 142 -10.24 5.92 10.91
N ALA A 143 -10.68 4.67 10.67
CA ALA A 143 -11.61 4.27 9.59
C ALA A 143 -12.86 5.15 9.60
N ARG A 144 -13.48 5.29 10.77
CA ARG A 144 -14.72 6.05 11.00
C ARG A 144 -14.50 7.49 10.57
N VAL A 145 -13.39 8.09 11.02
CA VAL A 145 -13.03 9.49 10.68
C VAL A 145 -12.75 9.55 9.19
N LEU A 146 -11.93 8.66 8.61
CA LEU A 146 -11.71 8.73 7.15
C LEU A 146 -13.06 8.62 6.42
N THR A 147 -13.87 7.59 6.69
CA THR A 147 -15.17 7.39 5.99
C THR A 147 -15.98 8.70 6.03
N ASN A 148 -15.89 9.48 7.10
CA ASN A 148 -16.65 10.75 7.20
C ASN A 148 -16.14 11.77 6.19
N HIS A 149 -14.83 11.97 6.14
CA HIS A 149 -14.18 12.86 5.15
C HIS A 149 -14.65 12.47 3.75
N ILE A 150 -14.66 11.18 3.45
CA ILE A 150 -15.05 10.66 2.11
C ILE A 150 -16.52 11.03 1.86
N HIS A 151 -17.39 10.84 2.84
CA HIS A 151 -18.84 11.14 2.71
C HIS A 151 -19.11 12.62 2.98
N THR A 152 -18.10 13.49 2.79
CA THR A 152 -18.29 14.97 2.78
C THR A 152 -17.84 15.54 1.42
N GLY A 153 -18.74 15.60 0.44
CA GLY A 153 -18.44 16.08 -0.93
C GLY A 153 -17.80 14.95 -1.72
N HIS A 154 -18.19 14.76 -2.98
CA HIS A 154 -17.64 13.69 -3.84
C HIS A 154 -16.35 14.23 -4.45
N HIS A 155 -15.21 13.61 -4.10
CA HIS A 155 -13.87 14.00 -4.60
C HIS A 155 -13.17 12.78 -5.17
N SER A 156 -12.11 13.01 -5.91
CA SER A 156 -11.41 11.95 -6.68
C SER A 156 -10.18 11.47 -5.94
N SER A 157 -9.57 12.34 -5.10
CA SER A 157 -8.23 12.15 -4.49
C SER A 157 -8.20 10.80 -3.78
N MET A 158 -7.02 10.17 -3.72
CA MET A 158 -6.81 8.82 -3.17
C MET A 158 -6.30 8.91 -1.73
N PHE A 159 -6.65 7.91 -0.93
CA PHE A 159 -6.00 7.65 0.37
C PHE A 159 -5.10 6.43 0.19
N TRP A 160 -3.80 6.64 0.37
CA TRP A 160 -2.74 5.61 0.38
C TRP A 160 -2.51 5.18 1.82
N MET A 161 -2.99 3.98 2.17
CA MET A 161 -2.85 3.41 3.53
C MET A 161 -1.48 2.73 3.60
N ARG A 162 -0.55 3.32 4.33
CA ARG A 162 0.86 2.86 4.51
C ARG A 162 0.86 1.63 5.42
N VAL A 163 0.96 0.45 4.82
CA VAL A 163 0.94 -0.86 5.54
C VAL A 163 2.28 -1.53 5.30
N PRO A 164 2.91 -2.07 6.37
CA PRO A 164 4.10 -2.90 6.22
C PRO A 164 3.78 -4.34 5.79
N LEU A 165 4.58 -4.90 4.87
CA LEU A 165 4.63 -6.36 4.62
C LEU A 165 4.74 -7.08 5.96
N VAL A 166 5.64 -6.60 6.84
CA VAL A 166 5.99 -7.23 8.15
C VAL A 166 5.81 -6.19 9.25
N ALA A 167 4.91 -6.47 10.18
CA ALA A 167 4.65 -5.62 11.35
C ALA A 167 6.00 -5.27 11.98
N PRO A 168 6.21 -4.01 12.45
CA PRO A 168 7.45 -3.63 13.12
C PRO A 168 7.78 -4.50 14.36
N GLU A 169 6.76 -4.93 15.12
CA GLU A 169 6.90 -5.79 16.31
C GLU A 169 7.56 -7.13 15.92
N ASP A 170 7.38 -7.59 14.69
CA ASP A 170 7.88 -8.90 14.20
C ASP A 170 9.18 -8.67 13.43
N LEU A 171 9.65 -7.42 13.36
CA LEU A 171 10.88 -7.00 12.64
C LEU A 171 12.00 -6.65 13.65
N ARG A 172 11.63 -6.45 14.92
CA ARG A 172 12.54 -5.86 15.94
C ARG A 172 13.73 -6.81 16.11
N ASP A 173 14.94 -6.26 16.29
CA ASP A 173 16.16 -7.01 16.70
C ASP A 173 15.82 -7.81 17.97
N ASP A 174 16.35 -9.01 18.10
CA ASP A 174 16.15 -9.86 19.30
C ASP A 174 17.20 -9.47 20.36
N ILE A 175 16.99 -8.33 21.01
CA ILE A 175 18.01 -7.71 21.90
C ILE A 175 17.36 -7.31 23.24
N ILE A 176 16.17 -7.83 23.55
CA ILE A 176 15.55 -7.64 24.89
C ILE A 176 15.67 -8.97 25.63
N GLU A 177 16.58 -9.02 26.62
N GLU A 177 16.57 -9.03 26.62
CA GLU A 177 16.95 -10.23 27.40
CA GLU A 177 16.93 -10.25 27.38
C GLU A 177 15.68 -10.95 27.87
C GLU A 177 15.66 -10.96 27.86
N ASN A 178 14.76 -10.23 28.50
CA ASN A 178 13.55 -10.79 29.18
C ASN A 178 12.30 -10.76 28.28
N ALA A 179 12.46 -10.55 26.97
CA ALA A 179 11.37 -10.42 25.97
C ALA A 179 11.90 -10.91 24.64
N PRO A 180 12.12 -12.23 24.52
CA PRO A 180 12.72 -12.79 23.31
C PRO A 180 11.70 -12.81 22.16
N THR A 181 12.22 -12.75 20.94
CA THR A 181 11.42 -12.86 19.69
C THR A 181 11.14 -14.34 19.48
N THR A 182 9.86 -14.73 19.46
CA THR A 182 9.43 -16.15 19.23
C THR A 182 9.83 -16.54 17.81
N HIS A 183 10.47 -17.70 17.64
CA HIS A 183 10.87 -18.24 16.31
C HIS A 183 10.06 -19.50 16.01
N THR A 184 8.91 -19.67 16.67
CA THR A 184 7.90 -20.71 16.36
C THR A 184 7.20 -20.33 15.05
N GLU A 185 7.04 -21.28 14.12
CA GLU A 185 6.36 -21.09 12.80
C GLU A 185 4.95 -20.54 13.05
N GLU A 186 4.52 -19.56 12.24
CA GLU A 186 3.36 -18.67 12.56
C GLU A 186 2.61 -18.30 11.28
N TYR A 187 1.87 -19.26 10.68
CA TYR A 187 1.24 -19.10 9.34
C TYR A 187 0.39 -17.83 9.36
N SER A 188 -0.68 -17.81 10.16
CA SER A 188 -1.68 -16.72 10.28
C SER A 188 -1.06 -15.45 10.87
N GLY A 189 -0.24 -15.60 11.91
CA GLY A 189 0.46 -14.48 12.58
C GLY A 189 1.29 -13.66 11.61
N GLU A 190 2.02 -14.31 10.70
CA GLU A 190 2.85 -13.62 9.68
C GLU A 190 1.98 -12.90 8.64
N GLU A 191 0.68 -13.18 8.60
CA GLU A 191 -0.25 -12.54 7.64
C GLU A 191 -1.03 -11.40 8.30
N LYS A 192 -0.73 -11.05 9.55
CA LYS A 192 -1.55 -10.14 10.40
C LYS A 192 -1.73 -8.75 9.75
N THR A 193 -0.78 -8.31 8.93
CA THR A 193 -0.73 -6.93 8.36
C THR A 193 -1.78 -6.83 7.24
N TRP A 194 -1.96 -7.91 6.50
CA TRP A 194 -3.07 -8.03 5.53
C TRP A 194 -4.41 -7.88 6.26
N MET A 195 -4.56 -8.47 7.45
N MET A 195 -4.55 -8.48 7.45
CA MET A 195 -5.82 -8.41 8.23
CA MET A 195 -5.79 -8.41 8.28
C MET A 195 -6.09 -6.98 8.68
C MET A 195 -6.09 -6.96 8.64
N TRP A 196 -5.04 -6.20 8.98
CA TRP A 196 -5.14 -4.77 9.37
C TRP A 196 -5.77 -3.95 8.24
N TRP A 197 -5.25 -4.18 7.02
CA TRP A 197 -5.71 -3.60 5.76
C TRP A 197 -7.13 -4.09 5.51
N HIS A 198 -7.31 -5.40 5.47
CA HIS A 198 -8.64 -6.02 5.19
C HIS A 198 -9.71 -5.41 6.10
N ASN A 199 -9.45 -5.32 7.39
CA ASN A 199 -10.47 -4.84 8.36
C ASN A 199 -10.76 -3.36 8.13
N PHE A 200 -9.72 -2.58 7.85
CA PHE A 200 -9.82 -1.11 7.69
C PHE A 200 -10.74 -0.82 6.51
N ARG A 201 -10.46 -1.50 5.41
CA ARG A 201 -11.13 -1.33 4.12
C ARG A 201 -12.59 -1.82 4.23
N THR A 202 -12.84 -2.89 4.98
CA THR A 202 -14.20 -3.47 5.19
C THR A 202 -15.02 -2.47 5.99
N LEU A 203 -14.42 -1.85 7.00
CA LEU A 203 -15.08 -0.77 7.79
C LEU A 203 -15.45 0.39 6.85
N CYS A 204 -14.57 0.72 5.90
CA CYS A 204 -14.73 1.89 5.00
C CYS A 204 -15.54 1.48 3.77
N ASP A 205 -16.12 0.27 3.81
CA ASP A 205 -17.02 -0.30 2.77
C ASP A 205 -16.44 -0.17 1.37
N TYR A 206 -15.16 -0.50 1.22
CA TYR A 206 -14.52 -0.75 -0.10
C TYR A 206 -14.57 0.52 -0.95
N SER A 207 -14.46 1.70 -0.32
CA SER A 207 -14.31 2.98 -1.06
C SER A 207 -13.22 2.83 -2.12
N LYS A 208 -13.48 3.29 -3.34
CA LYS A 208 -12.52 3.18 -4.47
C LYS A 208 -11.37 4.18 -4.23
N ARG A 209 -11.54 5.08 -3.27
CA ARG A 209 -10.55 6.14 -2.96
C ARG A 209 -9.49 5.63 -1.98
N ILE A 210 -9.68 4.42 -1.42
CA ILE A 210 -8.76 3.87 -0.38
C ILE A 210 -7.98 2.71 -1.00
N ALA A 211 -6.66 2.85 -1.06
CA ALA A 211 -5.73 1.90 -1.71
C ALA A 211 -4.52 1.64 -0.80
N VAL A 212 -3.60 0.78 -1.22
CA VAL A 212 -2.48 0.32 -0.36
C VAL A 212 -1.18 0.96 -0.84
N ALA A 213 -0.41 1.55 0.09
CA ALA A 213 1.03 1.82 -0.04
C ALA A 213 1.78 0.78 0.79
N LEU A 214 2.32 -0.22 0.09
CA LEU A 214 2.96 -1.42 0.69
C LEU A 214 4.39 -1.05 1.05
N GLU A 215 4.69 -1.04 2.35
CA GLU A 215 6.05 -0.72 2.85
C GLU A 215 6.84 -2.02 3.01
N ILE A 216 8.01 -2.04 2.39
CA ILE A 216 8.89 -3.23 2.24
C ILE A 216 10.11 -3.01 3.13
N GLY A 217 10.51 -4.06 3.87
CA GLY A 217 11.62 -4.05 4.82
C GLY A 217 12.79 -4.91 4.33
N ALA A 218 13.93 -4.82 5.01
CA ALA A 218 15.16 -5.61 4.74
C ALA A 218 14.80 -7.10 4.70
N ASP A 219 14.06 -7.58 5.70
CA ASP A 219 13.55 -8.98 5.77
C ASP A 219 12.27 -9.09 4.95
N LEU A 220 12.30 -9.75 3.80
CA LEU A 220 11.05 -10.14 3.11
C LEU A 220 10.44 -11.27 3.94
N PRO A 221 9.11 -11.30 4.12
CA PRO A 221 8.48 -12.38 4.87
C PRO A 221 8.45 -13.61 3.97
N SER A 222 7.83 -14.70 4.44
CA SER A 222 7.46 -15.88 3.62
C SER A 222 6.73 -15.40 2.35
N ASN A 223 6.76 -16.21 1.29
N ASN A 223 6.75 -16.23 1.30
CA ASN A 223 6.12 -15.93 -0.02
CA ASN A 223 6.13 -15.96 -0.02
C ASN A 223 4.60 -15.99 0.13
C ASN A 223 4.61 -16.01 0.13
N HIS A 224 4.08 -16.75 1.11
CA HIS A 224 2.62 -16.86 1.38
C HIS A 224 2.17 -15.46 1.83
N VAL A 225 2.98 -14.82 2.65
CA VAL A 225 2.70 -13.47 3.24
C VAL A 225 2.63 -12.46 2.10
N ILE A 226 3.53 -12.53 1.10
CA ILE A 226 3.52 -11.66 -0.12
C ILE A 226 2.29 -12.01 -0.97
N ASP A 227 2.00 -13.31 -1.12
CA ASP A 227 0.86 -13.81 -1.93
C ASP A 227 -0.45 -13.18 -1.42
N ARG A 228 -0.54 -12.88 -0.11
CA ARG A 228 -1.76 -12.29 0.50
C ARG A 228 -2.21 -11.03 -0.25
N TRP A 229 -1.27 -10.28 -0.84
CA TRP A 229 -1.48 -8.94 -1.45
C TRP A 229 -1.77 -9.04 -2.94
N LEU A 230 -1.85 -10.25 -3.50
CA LEU A 230 -1.91 -10.45 -4.98
C LEU A 230 -3.07 -9.62 -5.56
N GLY A 231 -4.30 -9.74 -5.01
CA GLY A 231 -5.51 -9.18 -5.65
C GLY A 231 -5.84 -7.76 -5.20
N GLU A 232 -4.98 -7.15 -4.38
CA GLU A 232 -5.28 -5.92 -3.61
C GLU A 232 -4.91 -4.67 -4.40
N PRO A 233 -5.57 -3.53 -4.13
CA PRO A 233 -5.31 -2.27 -4.84
C PRO A 233 -4.02 -1.58 -4.40
N ILE A 234 -2.88 -2.08 -4.85
CA ILE A 234 -1.56 -1.47 -4.50
C ILE A 234 -1.26 -0.37 -5.52
N LYS A 235 -1.19 0.86 -5.04
CA LYS A 235 -0.91 2.07 -5.84
C LYS A 235 0.57 2.42 -5.70
N ALA A 236 1.16 2.16 -4.55
CA ALA A 236 2.57 2.49 -4.25
C ALA A 236 3.23 1.35 -3.51
N ALA A 237 4.54 1.21 -3.71
CA ALA A 237 5.49 0.43 -2.89
C ALA A 237 6.56 1.37 -2.32
N ILE A 238 6.67 1.43 -0.99
CA ILE A 238 7.69 2.23 -0.25
C ILE A 238 8.95 1.37 -0.06
N LEU A 239 10.10 1.84 -0.58
CA LEU A 239 11.44 1.20 -0.42
C LEU A 239 12.31 2.09 0.45
N PRO A 240 12.59 1.73 1.73
CA PRO A 240 13.57 2.46 2.51
C PRO A 240 14.96 2.30 1.90
N THR A 241 15.77 3.36 1.96
CA THR A 241 17.22 3.34 1.66
C THR A 241 17.84 2.14 2.40
N SER A 242 17.47 1.90 3.66
CA SER A 242 17.94 0.76 4.52
C SER A 242 18.16 -0.53 3.74
N ILE A 243 17.19 -0.93 2.92
CA ILE A 243 17.08 -2.32 2.38
C ILE A 243 17.98 -2.48 1.16
N PHE A 244 18.51 -1.38 0.63
CA PHE A 244 19.50 -1.42 -0.47
C PHE A 244 20.82 -1.90 0.13
N LEU A 245 21.36 -2.97 -0.45
CA LEU A 245 22.77 -3.41 -0.35
C LEU A 245 23.68 -2.35 -0.97
N THR A 246 25.00 -2.56 -0.90
CA THR A 246 26.04 -1.84 -1.69
C THR A 246 26.79 -2.86 -2.56
N ASN A 247 27.03 -2.56 -3.84
CA ASN A 247 27.91 -3.39 -4.70
C ASN A 247 29.36 -2.91 -4.54
N LYS A 248 30.30 -3.52 -5.27
CA LYS A 248 31.76 -3.25 -5.19
C LYS A 248 32.00 -1.76 -5.43
N LYS A 249 31.46 -1.19 -6.51
CA LYS A 249 31.65 0.23 -6.89
C LYS A 249 30.67 1.11 -6.09
N GLY A 250 30.25 0.65 -4.90
CA GLY A 250 29.58 1.48 -3.88
C GLY A 250 28.16 1.90 -4.24
N PHE A 251 27.66 1.50 -5.42
CA PHE A 251 26.27 1.78 -5.89
C PHE A 251 25.28 1.05 -4.97
N PRO A 252 24.15 1.69 -4.58
CA PRO A 252 23.03 0.96 -3.96
C PRO A 252 22.40 -0.03 -4.95
N VAL A 253 22.07 -1.24 -4.46
CA VAL A 253 21.41 -2.33 -5.24
C VAL A 253 20.51 -3.12 -4.28
N LEU A 254 19.85 -4.17 -4.77
CA LEU A 254 18.89 -5.00 -3.97
C LEU A 254 19.19 -6.50 -4.11
N SER A 255 18.94 -7.24 -3.04
CA SER A 255 18.93 -8.73 -3.01
C SER A 255 18.12 -9.26 -4.20
N LYS A 256 18.50 -10.42 -4.71
CA LYS A 256 17.79 -11.12 -5.82
C LYS A 256 16.29 -11.20 -5.51
N MET A 257 15.93 -11.38 -4.25
CA MET A 257 14.51 -11.59 -3.85
C MET A 257 13.79 -10.24 -3.77
N HIS A 258 14.42 -9.21 -3.22
CA HIS A 258 13.90 -7.83 -3.33
C HIS A 258 13.66 -7.52 -4.82
N GLN A 259 14.57 -7.92 -5.70
CA GLN A 259 14.44 -7.69 -7.17
C GLN A 259 13.19 -8.41 -7.70
N ARG A 260 13.01 -9.70 -7.37
CA ARG A 260 11.82 -10.49 -7.79
C ARG A 260 10.54 -9.72 -7.42
N LEU A 261 10.43 -9.24 -6.17
CA LEU A 261 9.24 -8.51 -5.68
C LEU A 261 9.04 -7.26 -6.55
N ILE A 262 10.09 -6.46 -6.76
CA ILE A 262 10.07 -5.26 -7.65
C ILE A 262 9.49 -5.67 -9.01
N PHE A 263 10.00 -6.75 -9.63
CA PHE A 263 9.54 -7.23 -10.95
C PHE A 263 8.02 -7.51 -10.89
N ARG A 264 7.57 -8.28 -9.90
CA ARG A 264 6.12 -8.51 -9.61
C ARG A 264 5.39 -7.16 -9.57
N LEU A 265 5.92 -6.17 -8.85
CA LEU A 265 5.28 -4.84 -8.63
C LEU A 265 5.30 -3.98 -9.91
N LEU A 266 6.28 -4.18 -10.79
CA LEU A 266 6.36 -3.43 -12.07
C LEU A 266 5.21 -3.89 -12.96
N LYS A 267 4.93 -5.21 -13.00
CA LYS A 267 3.78 -5.81 -13.74
C LYS A 267 2.48 -5.21 -13.24
N LEU A 268 2.37 -4.93 -11.94
CA LEU A 268 1.15 -4.30 -11.38
C LEU A 268 1.19 -2.79 -11.59
N GLU A 269 2.25 -2.27 -12.19
CA GLU A 269 2.39 -0.83 -12.49
C GLU A 269 2.01 -0.02 -11.26
N VAL A 270 2.79 -0.11 -10.19
CA VAL A 270 2.56 0.77 -9.00
C VAL A 270 3.56 1.90 -9.13
N GLN A 271 3.46 2.88 -8.25
CA GLN A 271 4.47 3.94 -8.11
C GLN A 271 5.36 3.55 -6.92
N PHE A 272 6.67 3.75 -7.08
CA PHE A 272 7.68 3.45 -6.04
C PHE A 272 7.94 4.72 -5.24
N ILE A 273 8.15 4.59 -3.94
CA ILE A 273 8.48 5.73 -3.04
C ILE A 273 9.78 5.39 -2.32
N ILE A 274 10.81 6.24 -2.42
CA ILE A 274 12.09 6.12 -1.67
C ILE A 274 11.93 6.95 -0.40
N THR A 275 12.10 6.30 0.76
CA THR A 275 11.96 6.88 2.12
C THR A 275 13.28 6.69 2.87
N GLY A 276 13.54 7.52 3.89
CA GLY A 276 14.76 7.49 4.71
C GLY A 276 15.91 8.27 4.09
N THR A 277 17.02 8.46 4.83
CA THR A 277 18.22 9.24 4.43
C THR A 277 19.09 8.44 3.46
N ASN A 278 20.05 9.13 2.83
CA ASN A 278 21.07 8.54 1.92
C ASN A 278 22.09 7.77 2.77
N HIS A 279 22.22 6.46 2.52
CA HIS A 279 23.19 5.56 3.20
C HIS A 279 24.31 5.16 2.23
N HIS A 280 24.27 5.69 1.00
CA HIS A 280 25.33 5.53 -0.05
C HIS A 280 25.78 6.95 -0.43
N SER A 281 26.60 7.55 0.44
CA SER A 281 26.92 9.01 0.54
C SER A 281 27.52 9.57 -0.75
N GLU A 282 28.73 9.12 -1.16
CA GLU A 282 29.39 9.59 -2.42
C GLU A 282 28.56 9.13 -3.63
N LYS A 283 27.23 9.13 -3.49
CA LYS A 283 26.21 8.93 -4.57
C LYS A 283 24.97 9.75 -4.19
N GLU A 284 24.26 10.31 -5.18
CA GLU A 284 23.01 11.09 -4.99
C GLU A 284 21.86 10.12 -4.67
N PHE A 285 20.65 10.64 -4.41
CA PHE A 285 19.40 9.85 -4.22
C PHE A 285 18.89 9.30 -5.55
N CYS A 286 19.38 9.84 -6.68
CA CYS A 286 19.07 9.36 -8.04
C CYS A 286 19.75 8.01 -8.26
N SER A 287 20.72 7.64 -7.41
CA SER A 287 21.43 6.33 -7.46
C SER A 287 20.44 5.22 -7.12
N TYR A 288 19.66 5.40 -6.06
CA TYR A 288 18.51 4.50 -5.70
C TYR A 288 17.60 4.43 -6.93
N LEU A 289 17.21 5.60 -7.41
CA LEU A 289 16.23 5.76 -8.50
C LEU A 289 16.75 5.11 -9.78
N GLN A 290 17.99 5.41 -10.15
CA GLN A 290 18.63 4.89 -11.39
C GLN A 290 18.63 3.37 -11.29
N TYR A 291 18.80 2.82 -10.09
CA TYR A 291 18.76 1.35 -9.88
C TYR A 291 17.39 0.84 -10.34
N LEU A 292 16.30 1.43 -9.83
CA LEU A 292 14.91 1.06 -10.19
C LEU A 292 14.72 1.14 -11.72
N GLU A 293 15.07 2.28 -12.32
CA GLU A 293 15.02 2.49 -13.81
C GLU A 293 15.76 1.34 -14.47
N TYR A 294 16.94 1.03 -13.93
CA TYR A 294 17.84 -0.03 -14.43
C TYR A 294 17.06 -1.35 -14.46
N LEU A 295 16.38 -1.70 -13.36
CA LEU A 295 15.57 -2.93 -13.20
C LEU A 295 14.38 -2.97 -14.17
N SER A 296 13.67 -1.84 -14.38
CA SER A 296 12.49 -1.77 -15.29
C SER A 296 12.93 -1.94 -16.75
N GLN A 297 13.95 -1.17 -17.16
CA GLN A 297 14.52 -1.20 -18.54
C GLN A 297 15.14 -2.59 -18.78
N ASN A 298 15.55 -3.28 -17.70
CA ASN A 298 16.16 -4.63 -17.75
C ASN A 298 15.14 -5.67 -17.28
N ARG A 299 13.88 -5.54 -17.69
CA ARG A 299 12.84 -6.57 -17.43
C ARG A 299 12.59 -7.29 -18.74
N PRO A 300 12.06 -8.54 -18.71
CA PRO A 300 11.73 -9.25 -19.95
C PRO A 300 10.70 -8.45 -20.74
N PRO A 301 11.04 -7.92 -21.94
CA PRO A 301 10.13 -7.00 -22.64
C PRO A 301 8.89 -7.75 -23.14
N PRO A 302 7.73 -7.07 -23.25
CA PRO A 302 6.44 -7.76 -23.27
C PRO A 302 6.17 -8.54 -24.57
N ASN A 303 5.64 -9.76 -24.47
CA ASN A 303 5.27 -10.61 -25.62
C ASN A 303 4.15 -9.91 -26.41
N ALA A 304 3.72 -10.48 -27.56
CA ALA A 304 2.73 -9.88 -28.49
C ALA A 304 1.38 -9.72 -27.77
N TYR A 305 0.89 -10.81 -27.16
CA TYR A 305 -0.33 -10.85 -26.32
C TYR A 305 -0.28 -9.73 -25.26
N GLU A 306 0.78 -9.69 -24.45
CA GLU A 306 0.98 -8.71 -23.34
C GLU A 306 0.92 -7.28 -23.87
N LEU A 307 1.27 -7.04 -25.14
CA LEU A 307 1.14 -5.68 -25.74
C LEU A 307 -0.30 -5.48 -26.24
N PHE A 308 -0.87 -6.47 -26.95
CA PHE A 308 -2.29 -6.49 -27.39
C PHE A 308 -3.22 -6.30 -26.17
N ALA A 309 -2.96 -7.06 -25.11
CA ALA A 309 -3.81 -7.19 -23.91
C ALA A 309 -3.53 -6.06 -22.91
N LYS A 310 -2.78 -5.04 -23.32
CA LYS A 310 -2.10 -4.14 -22.35
C LYS A 310 -3.11 -3.14 -21.77
N GLY A 311 -3.80 -2.42 -22.67
CA GLY A 311 -4.81 -1.40 -22.33
C GLY A 311 -6.05 -2.01 -21.72
N TYR A 312 -6.23 -3.33 -21.80
CA TYR A 312 -7.51 -4.03 -21.50
C TYR A 312 -7.53 -4.59 -20.07
N GLU A 313 -6.44 -4.41 -19.33
CA GLU A 313 -6.21 -5.07 -18.02
C GLU A 313 -7.32 -4.69 -17.05
N ASP A 314 -7.90 -5.68 -16.37
CA ASP A 314 -9.04 -5.52 -15.42
C ASP A 314 -10.11 -4.58 -15.98
N TYR A 315 -10.26 -4.48 -17.30
CA TYR A 315 -11.34 -3.69 -17.94
C TYR A 315 -12.53 -4.62 -18.18
N LEU A 316 -13.67 -4.37 -17.53
CA LEU A 316 -14.88 -5.23 -17.63
C LEU A 316 -15.61 -4.91 -18.91
N GLN A 317 -15.97 -5.92 -19.71
CA GLN A 317 -16.78 -5.74 -20.94
C GLN A 317 -17.94 -6.74 -20.90
N SER A 318 -19.06 -6.43 -21.55
CA SER A 318 -20.17 -7.39 -21.78
C SER A 318 -19.67 -8.47 -22.71
N PRO A 319 -20.02 -9.74 -22.46
CA PRO A 319 -19.75 -10.78 -23.44
C PRO A 319 -20.52 -10.42 -24.71
N LEU A 320 -19.90 -10.56 -25.88
CA LEU A 320 -20.58 -10.59 -27.19
C LEU A 320 -21.75 -11.57 -27.13
N GLN A 321 -22.82 -11.27 -27.86
CA GLN A 321 -23.92 -12.23 -28.13
C GLN A 321 -24.24 -12.15 -29.61
N PRO A 322 -23.38 -12.70 -30.50
CA PRO A 322 -23.53 -12.54 -31.94
C PRO A 322 -24.70 -13.31 -32.55
N LEU A 323 -25.39 -14.15 -31.78
CA LEU A 323 -26.69 -14.72 -32.22
C LEU A 323 -27.77 -13.62 -32.17
N MET A 324 -28.00 -13.05 -31.00
CA MET A 324 -29.11 -12.11 -30.69
C MET A 324 -28.79 -10.76 -31.31
N ASP A 325 -27.51 -10.45 -31.55
CA ASP A 325 -27.01 -9.15 -32.05
C ASP A 325 -26.27 -9.32 -33.38
N ASN A 326 -26.33 -8.32 -34.24
CA ASN A 326 -25.48 -8.27 -35.47
C ASN A 326 -24.17 -7.53 -35.13
N LEU A 327 -23.04 -8.24 -35.14
CA LEU A 327 -21.74 -7.65 -34.76
C LEU A 327 -21.41 -6.53 -35.75
N GLU A 328 -20.68 -5.52 -35.28
CA GLU A 328 -20.20 -4.37 -36.09
C GLU A 328 -19.00 -4.81 -36.97
N SER A 329 -18.74 -4.05 -38.03
CA SER A 329 -17.74 -4.38 -39.06
C SER A 329 -16.37 -4.46 -38.38
N GLN A 330 -16.08 -3.57 -37.41
CA GLN A 330 -14.75 -3.53 -36.74
C GLN A 330 -14.62 -4.70 -35.75
N THR A 331 -15.74 -5.27 -35.30
CA THR A 331 -15.70 -6.49 -34.45
C THR A 331 -15.11 -7.61 -35.29
N TYR A 332 -15.59 -7.75 -36.53
CA TYR A 332 -15.10 -8.79 -37.48
C TYR A 332 -13.65 -8.49 -37.87
N GLU A 333 -13.31 -7.24 -38.16
CA GLU A 333 -11.90 -6.81 -38.33
C GLU A 333 -11.02 -7.50 -37.28
N VAL A 334 -11.31 -7.35 -35.97
CA VAL A 334 -10.41 -7.87 -34.90
C VAL A 334 -10.48 -9.40 -34.84
N PHE A 335 -11.63 -10.03 -35.03
CA PHE A 335 -11.68 -11.51 -35.20
C PHE A 335 -10.65 -11.93 -36.27
N GLU A 336 -10.62 -11.23 -37.39
CA GLU A 336 -9.81 -11.56 -38.61
C GLU A 336 -8.33 -11.31 -38.33
N LYS A 337 -8.01 -10.48 -37.32
CA LYS A 337 -6.63 -10.06 -36.96
C LYS A 337 -5.96 -11.09 -36.05
N ASP A 338 -6.44 -12.34 -36.00
CA ASP A 338 -5.89 -13.44 -35.16
C ASP A 338 -5.52 -14.63 -36.06
N PRO A 339 -4.34 -14.56 -36.73
CA PRO A 339 -3.98 -15.55 -37.75
C PRO A 339 -3.74 -16.97 -37.19
N ILE A 340 -3.16 -17.06 -35.98
CA ILE A 340 -2.89 -18.34 -35.26
C ILE A 340 -4.20 -19.13 -35.19
N LYS A 341 -5.31 -18.43 -34.91
CA LYS A 341 -6.64 -19.07 -34.75
C LYS A 341 -7.02 -19.74 -36.08
N TYR A 342 -6.78 -19.05 -37.19
CA TYR A 342 -7.23 -19.50 -38.53
C TYR A 342 -6.22 -20.56 -39.08
N SER A 343 -4.92 -20.40 -38.81
CA SER A 343 -3.92 -21.47 -39.06
C SER A 343 -4.44 -22.79 -38.52
N GLN A 344 -4.98 -22.77 -37.29
CA GLN A 344 -5.48 -23.99 -36.60
C GLN A 344 -6.68 -24.55 -37.36
N TYR A 345 -7.55 -23.65 -37.80
CA TYR A 345 -8.79 -24.02 -38.52
C TYR A 345 -8.37 -24.59 -39.89
N GLN A 346 -7.47 -23.89 -40.59
CA GLN A 346 -6.91 -24.40 -41.87
C GLN A 346 -6.47 -25.84 -41.63
N GLN A 347 -5.58 -26.03 -40.63
CA GLN A 347 -4.93 -27.33 -40.33
C GLN A 347 -6.01 -28.37 -39.98
N ALA A 348 -7.04 -28.04 -39.22
CA ALA A 348 -8.07 -29.03 -38.83
C ALA A 348 -8.82 -29.51 -40.08
N ILE A 349 -9.09 -28.59 -41.01
CA ILE A 349 -9.85 -28.90 -42.25
C ILE A 349 -8.92 -29.68 -43.18
N TYR A 350 -7.73 -29.14 -43.41
CA TYR A 350 -6.60 -29.83 -44.08
C TYR A 350 -6.65 -31.33 -43.74
N LYS A 351 -6.40 -31.65 -42.47
CA LYS A 351 -6.30 -33.04 -41.92
C LYS A 351 -7.61 -33.79 -42.18
N CYS A 352 -8.76 -33.15 -41.99
CA CYS A 352 -10.07 -33.82 -42.08
C CYS A 352 -10.34 -34.24 -43.52
N LEU A 353 -9.83 -33.46 -44.48
CA LEU A 353 -10.01 -33.73 -45.94
C LEU A 353 -9.26 -35.00 -46.31
N LEU A 354 -7.97 -35.04 -45.99
CA LEU A 354 -7.07 -36.18 -46.29
C LEU A 354 -7.70 -37.45 -45.69
N ASP A 355 -8.24 -37.34 -44.47
CA ASP A 355 -8.85 -38.50 -43.77
C ASP A 355 -10.06 -39.00 -44.57
N ARG A 356 -10.61 -38.19 -45.47
CA ARG A 356 -12.00 -38.39 -46.01
C ARG A 356 -11.96 -38.68 -47.51
N VAL A 357 -10.99 -38.14 -48.25
CA VAL A 357 -10.71 -38.51 -49.68
C VAL A 357 -9.33 -39.12 -49.79
N PRO A 358 -9.26 -40.42 -50.13
CA PRO A 358 -8.03 -41.06 -50.58
C PRO A 358 -7.53 -40.44 -51.88
N GLU A 359 -6.20 -40.39 -52.03
CA GLU A 359 -5.42 -39.93 -53.22
C GLU A 359 -6.02 -40.46 -54.53
N GLU A 360 -6.44 -41.74 -54.59
CA GLU A 360 -7.04 -42.34 -55.81
C GLU A 360 -8.40 -41.70 -56.11
N GLU A 361 -9.01 -40.97 -55.16
CA GLU A 361 -10.36 -40.35 -55.32
C GLU A 361 -10.29 -38.83 -55.41
N LYS A 362 -9.10 -38.22 -55.24
CA LYS A 362 -8.95 -36.76 -55.06
C LYS A 362 -9.79 -36.00 -56.09
N ASP A 363 -9.78 -36.44 -57.36
CA ASP A 363 -10.32 -35.69 -58.53
C ASP A 363 -11.77 -36.13 -58.83
N THR A 364 -12.17 -37.33 -58.43
CA THR A 364 -13.56 -37.83 -58.62
C THR A 364 -14.45 -37.42 -57.43
N ASN A 365 -13.86 -36.96 -56.32
CA ASN A 365 -14.57 -36.77 -55.02
C ASN A 365 -14.40 -35.32 -54.54
N VAL A 366 -15.54 -34.64 -54.41
CA VAL A 366 -15.63 -33.19 -54.10
C VAL A 366 -16.51 -33.03 -52.85
N GLN A 367 -15.92 -32.57 -51.74
CA GLN A 367 -16.52 -32.56 -50.39
C GLN A 367 -17.36 -31.28 -50.19
N VAL A 368 -18.62 -31.43 -49.78
CA VAL A 368 -19.51 -30.28 -49.46
C VAL A 368 -19.16 -29.81 -48.03
N LEU A 369 -18.54 -28.63 -47.97
CA LEU A 369 -18.01 -27.93 -46.77
C LEU A 369 -18.87 -26.69 -46.45
N MET A 370 -19.60 -26.68 -45.32
CA MET A 370 -20.52 -25.58 -44.95
C MET A 370 -19.96 -24.79 -43.76
N VAL A 371 -19.56 -23.53 -43.95
CA VAL A 371 -19.21 -22.61 -42.84
C VAL A 371 -20.50 -22.11 -42.22
N LEU A 372 -20.69 -22.32 -40.91
CA LEU A 372 -21.95 -21.97 -40.19
C LEU A 372 -21.65 -20.79 -39.25
N GLY A 373 -21.94 -19.57 -39.70
CA GLY A 373 -21.54 -18.31 -39.05
C GLY A 373 -20.26 -17.79 -39.67
N ALA A 374 -20.33 -17.42 -40.93
CA ALA A 374 -19.13 -17.20 -41.78
C ALA A 374 -18.61 -15.78 -41.66
N GLY A 375 -19.30 -14.91 -40.89
CA GLY A 375 -18.91 -13.50 -40.72
C GLY A 375 -18.58 -12.89 -42.06
N ARG A 376 -17.41 -12.27 -42.19
CA ARG A 376 -16.99 -11.68 -43.50
C ARG A 376 -16.14 -12.64 -44.35
N GLY A 377 -15.94 -13.90 -43.92
CA GLY A 377 -15.42 -15.01 -44.77
C GLY A 377 -14.05 -15.62 -44.42
N PRO A 378 -13.32 -15.26 -43.33
CA PRO A 378 -11.94 -15.76 -43.15
C PRO A 378 -11.90 -17.30 -43.03
N LEU A 379 -12.95 -17.88 -42.47
CA LEU A 379 -13.14 -19.35 -42.40
C LEU A 379 -13.33 -19.94 -43.80
N VAL A 380 -14.02 -19.21 -44.67
CA VAL A 380 -14.21 -19.61 -46.10
C VAL A 380 -12.83 -19.67 -46.78
N ASN A 381 -12.04 -18.60 -46.66
CA ASN A 381 -10.66 -18.50 -47.18
C ASN A 381 -9.79 -19.61 -46.59
N ALA A 382 -9.85 -19.83 -45.29
CA ALA A 382 -9.07 -20.90 -44.63
C ALA A 382 -9.46 -22.23 -45.28
N SER A 383 -10.76 -22.49 -45.44
CA SER A 383 -11.25 -23.72 -46.11
C SER A 383 -10.60 -23.80 -47.49
N LEU A 384 -10.45 -22.66 -48.17
CA LEU A 384 -9.91 -22.65 -49.56
C LEU A 384 -8.42 -23.01 -49.49
N ARG A 385 -7.68 -22.35 -48.61
CA ARG A 385 -6.23 -22.60 -48.42
C ARG A 385 -6.02 -24.07 -48.01
N ALA A 386 -6.93 -24.65 -47.22
CA ALA A 386 -6.86 -26.04 -46.71
C ALA A 386 -6.97 -27.02 -47.88
N ALA A 387 -7.97 -26.85 -48.74
CA ALA A 387 -8.27 -27.73 -49.89
C ALA A 387 -7.10 -27.73 -50.89
N LYS A 388 -6.50 -26.59 -51.20
CA LYS A 388 -5.37 -26.55 -52.18
C LYS A 388 -4.11 -27.11 -51.51
N GLN A 389 -3.98 -27.02 -50.18
CA GLN A 389 -2.86 -27.66 -49.43
C GLN A 389 -3.04 -29.18 -49.49
N ALA A 390 -4.26 -29.67 -49.24
CA ALA A 390 -4.65 -31.10 -49.25
C ALA A 390 -4.73 -31.65 -50.67
N ASP A 391 -4.71 -30.77 -51.67
CA ASP A 391 -4.98 -31.07 -53.10
C ASP A 391 -6.22 -31.98 -53.17
N ARG A 392 -7.32 -31.52 -52.58
CA ARG A 392 -8.65 -32.19 -52.63
C ARG A 392 -9.72 -31.14 -53.03
N ARG A 393 -10.89 -31.60 -53.48
CA ARG A 393 -11.92 -30.74 -54.12
C ARG A 393 -13.09 -30.51 -53.15
N ILE A 394 -13.50 -29.25 -52.99
CA ILE A 394 -14.48 -28.78 -51.95
C ILE A 394 -15.52 -27.84 -52.57
N LYS A 395 -16.78 -28.07 -52.26
CA LYS A 395 -17.88 -27.10 -52.49
C LYS A 395 -18.21 -26.44 -51.15
N LEU A 396 -18.21 -25.09 -51.12
CA LEU A 396 -18.51 -24.30 -49.90
C LEU A 396 -19.94 -23.77 -49.92
N TYR A 397 -20.62 -23.81 -48.77
CA TYR A 397 -21.70 -22.86 -48.42
C TYR A 397 -21.19 -21.97 -47.31
N ALA A 398 -21.49 -20.68 -47.37
CA ALA A 398 -21.11 -19.69 -46.33
C ALA A 398 -22.40 -19.15 -45.71
N VAL A 399 -22.81 -19.71 -44.58
CA VAL A 399 -24.09 -19.38 -43.90
C VAL A 399 -23.82 -18.33 -42.82
N GLU A 400 -24.58 -17.23 -42.87
CA GLU A 400 -24.43 -16.02 -42.02
C GLU A 400 -25.81 -15.36 -41.88
N LYS A 401 -26.26 -15.10 -40.65
CA LYS A 401 -27.57 -14.44 -40.42
C LYS A 401 -27.41 -12.92 -40.37
N ASN A 402 -26.24 -12.38 -39.99
CA ASN A 402 -25.98 -10.92 -39.96
C ASN A 402 -26.00 -10.42 -41.40
N PRO A 403 -27.06 -9.71 -41.86
CA PRO A 403 -27.16 -9.37 -43.28
C PRO A 403 -26.11 -8.31 -43.67
N ASN A 404 -25.66 -7.50 -42.73
CA ASN A 404 -24.57 -6.51 -42.92
C ASN A 404 -23.30 -7.21 -43.41
N ALA A 405 -22.94 -8.33 -42.77
CA ALA A 405 -21.76 -9.18 -43.08
C ALA A 405 -21.95 -9.91 -44.41
N VAL A 406 -23.16 -10.43 -44.64
CA VAL A 406 -23.59 -11.05 -45.91
C VAL A 406 -23.17 -10.11 -47.05
N VAL A 407 -23.23 -8.80 -46.84
CA VAL A 407 -22.82 -7.79 -47.88
C VAL A 407 -21.35 -8.07 -48.25
N THR A 408 -20.47 -8.16 -47.25
CA THR A 408 -19.02 -8.46 -47.41
C THR A 408 -18.87 -9.79 -48.17
N LEU A 409 -19.52 -10.85 -47.70
CA LEU A 409 -19.48 -12.21 -48.29
C LEU A 409 -19.84 -12.14 -49.78
N GLU A 410 -20.96 -11.49 -50.12
CA GLU A 410 -21.50 -11.52 -51.50
C GLU A 410 -20.61 -10.68 -52.43
N ASN A 411 -20.02 -9.58 -51.93
CA ASN A 411 -18.99 -8.83 -52.69
C ASN A 411 -17.74 -9.73 -52.89
N TRP A 412 -17.33 -10.46 -51.86
CA TRP A 412 -16.22 -11.45 -51.98
C TRP A 412 -16.60 -12.53 -53.00
N GLN A 413 -17.78 -13.14 -52.91
CA GLN A 413 -18.10 -14.32 -53.76
C GLN A 413 -18.22 -13.88 -55.22
N PHE A 414 -18.77 -12.69 -55.48
CA PHE A 414 -18.82 -12.11 -56.85
C PHE A 414 -17.41 -11.87 -57.37
N GLU A 415 -16.59 -11.11 -56.64
CA GLU A 415 -15.30 -10.56 -57.10
C GLU A 415 -14.17 -11.61 -57.09
N GLU A 416 -14.24 -12.64 -56.24
CA GLU A 416 -13.06 -13.52 -55.93
C GLU A 416 -13.43 -15.00 -55.94
N TRP A 417 -14.31 -15.42 -55.03
CA TRP A 417 -14.56 -16.86 -54.82
C TRP A 417 -15.21 -17.46 -56.06
N GLY A 418 -15.97 -16.68 -56.83
CA GLY A 418 -16.86 -17.26 -57.84
C GLY A 418 -17.75 -18.31 -57.20
N SER A 419 -18.39 -19.15 -58.00
CA SER A 419 -19.56 -19.98 -57.61
C SER A 419 -19.13 -21.20 -56.80
N GLN A 420 -17.83 -21.38 -56.55
CA GLN A 420 -17.38 -22.44 -55.62
C GLN A 420 -18.10 -22.20 -54.28
N VAL A 421 -18.31 -20.93 -53.92
CA VAL A 421 -19.00 -20.48 -52.68
C VAL A 421 -20.43 -20.03 -53.01
N THR A 422 -21.43 -20.80 -52.57
CA THR A 422 -22.81 -20.32 -52.37
C THR A 422 -22.90 -19.60 -51.02
N VAL A 423 -23.14 -18.30 -51.01
CA VAL A 423 -23.45 -17.52 -49.77
C VAL A 423 -24.93 -17.74 -49.40
N VAL A 424 -25.21 -18.16 -48.18
CA VAL A 424 -26.60 -18.34 -47.66
C VAL A 424 -26.81 -17.29 -46.58
N SER A 425 -27.75 -16.38 -46.79
CA SER A 425 -28.12 -15.33 -45.81
C SER A 425 -29.29 -15.87 -44.99
N SER A 426 -29.02 -16.74 -44.03
CA SER A 426 -30.09 -17.23 -43.13
C SER A 426 -29.54 -17.78 -41.81
N ASP A 427 -30.44 -18.06 -40.89
CA ASP A 427 -30.18 -18.73 -39.62
C ASP A 427 -29.90 -20.20 -39.94
N MET A 428 -28.86 -20.78 -39.37
CA MET A 428 -28.54 -22.21 -39.62
C MET A 428 -29.65 -23.11 -39.06
N ARG A 429 -30.38 -22.71 -38.01
CA ARG A 429 -31.46 -23.54 -37.42
C ARG A 429 -32.66 -23.58 -38.37
N GLU A 430 -32.77 -22.61 -39.28
CA GLU A 430 -33.99 -22.45 -40.12
C GLU A 430 -33.69 -22.91 -41.55
N TRP A 431 -32.48 -22.65 -42.03
CA TRP A 431 -32.06 -22.93 -43.42
C TRP A 431 -32.43 -24.36 -43.82
N VAL A 432 -33.04 -24.50 -44.99
CA VAL A 432 -33.25 -25.79 -45.70
C VAL A 432 -32.11 -25.92 -46.71
N ALA A 433 -31.22 -26.87 -46.50
CA ALA A 433 -30.00 -27.04 -47.32
C ALA A 433 -30.40 -27.73 -48.61
N PRO A 434 -29.83 -27.33 -49.77
CA PRO A 434 -30.10 -28.04 -51.01
C PRO A 434 -29.62 -29.50 -50.98
N GLU A 435 -28.83 -29.87 -49.96
CA GLU A 435 -28.09 -31.16 -49.85
C GLU A 435 -27.36 -31.22 -48.50
N LYS A 436 -26.81 -32.38 -48.11
CA LYS A 436 -26.14 -32.58 -46.80
C LYS A 436 -24.63 -32.30 -46.92
N ALA A 437 -23.97 -32.05 -45.78
CA ALA A 437 -22.55 -31.65 -45.70
C ALA A 437 -21.67 -32.81 -45.24
N ASP A 438 -20.49 -32.89 -45.84
CA ASP A 438 -19.35 -33.73 -45.37
C ASP A 438 -18.80 -33.11 -44.10
N ILE A 439 -18.65 -31.79 -44.11
CA ILE A 439 -18.01 -31.02 -43.00
C ILE A 439 -18.78 -29.71 -42.78
N ILE A 440 -19.08 -29.44 -41.52
CA ILE A 440 -19.53 -28.10 -41.04
C ILE A 440 -18.39 -27.52 -40.20
N VAL A 441 -18.09 -26.25 -40.39
CA VAL A 441 -17.03 -25.46 -39.68
C VAL A 441 -17.69 -24.26 -39.00
N SER A 442 -17.49 -24.05 -37.69
CA SER A 442 -18.10 -22.92 -36.94
C SER A 442 -17.08 -22.34 -35.96
N GLU A 443 -17.15 -21.04 -35.66
CA GLU A 443 -16.37 -20.41 -34.56
C GLU A 443 -17.35 -19.62 -33.68
N LEU A 444 -18.41 -20.32 -33.24
CA LEU A 444 -19.58 -19.79 -32.50
C LEU A 444 -19.35 -19.74 -30.98
N LEU A 445 -18.10 -19.57 -30.55
CA LEU A 445 -17.65 -19.86 -29.17
C LEU A 445 -17.29 -18.55 -28.48
N GLY A 446 -17.76 -18.38 -27.24
CA GLY A 446 -17.30 -17.29 -26.36
C GLY A 446 -16.20 -17.75 -25.45
N SER A 447 -15.72 -16.88 -24.57
CA SER A 447 -14.68 -17.14 -23.55
C SER A 447 -15.12 -18.23 -22.56
N PHE A 448 -16.38 -18.64 -22.56
CA PHE A 448 -16.84 -19.74 -21.67
C PHE A 448 -17.40 -20.87 -22.53
N ALA A 449 -16.89 -20.93 -23.76
CA ALA A 449 -17.18 -21.91 -24.84
C ALA A 449 -18.63 -21.77 -25.33
N ASP A 450 -19.58 -22.29 -24.56
CA ASP A 450 -21.00 -22.43 -24.98
C ASP A 450 -21.81 -21.16 -24.67
N ASN A 451 -21.17 -20.05 -24.26
CA ASN A 451 -21.95 -18.87 -23.79
C ASN A 451 -22.57 -18.11 -25.00
N GLU A 452 -22.17 -18.41 -26.24
CA GLU A 452 -22.79 -17.78 -27.43
C GLU A 452 -23.87 -18.70 -28.01
N LEU A 453 -24.06 -19.88 -27.43
CA LEU A 453 -25.14 -20.84 -27.78
C LEU A 453 -24.76 -21.63 -29.04
N SER A 454 -23.46 -21.87 -29.23
CA SER A 454 -22.93 -22.84 -30.23
C SER A 454 -23.69 -24.17 -30.16
N PRO A 455 -23.97 -24.77 -28.98
CA PRO A 455 -24.74 -26.01 -28.92
C PRO A 455 -26.08 -25.96 -29.66
N GLU A 456 -26.88 -24.95 -29.37
CA GLU A 456 -28.26 -24.78 -29.92
C GLU A 456 -28.15 -24.54 -31.42
N CYS A 457 -27.24 -23.68 -31.85
CA CYS A 457 -27.03 -23.34 -33.28
C CYS A 457 -26.64 -24.61 -34.03
N LEU A 458 -25.61 -25.31 -33.55
CA LEU A 458 -25.12 -26.52 -34.25
C LEU A 458 -26.17 -27.63 -34.15
N ASP A 459 -26.91 -27.73 -33.03
CA ASP A 459 -27.98 -28.75 -32.89
C ASP A 459 -28.99 -28.54 -34.02
N GLY A 460 -29.33 -27.29 -34.30
CA GLY A 460 -30.37 -26.90 -35.26
C GLY A 460 -29.94 -27.21 -36.68
N ALA A 461 -28.63 -27.21 -36.92
CA ALA A 461 -27.99 -27.37 -38.25
C ALA A 461 -27.67 -28.83 -38.52
N GLN A 462 -27.73 -29.70 -37.52
CA GLN A 462 -27.04 -31.01 -37.63
C GLN A 462 -27.84 -31.90 -38.60
N HIS A 463 -29.16 -31.74 -38.68
CA HIS A 463 -30.02 -32.49 -39.63
C HIS A 463 -29.48 -32.41 -41.07
N PHE A 464 -28.66 -31.41 -41.43
CA PHE A 464 -28.12 -31.32 -42.82
C PHE A 464 -26.63 -31.70 -42.88
N LEU A 465 -26.09 -32.34 -41.84
CA LEU A 465 -24.76 -32.99 -41.85
C LEU A 465 -24.96 -34.47 -42.21
N LYS A 466 -24.19 -34.99 -43.17
CA LYS A 466 -24.31 -36.40 -43.63
C LYS A 466 -24.07 -37.32 -42.43
N ASP A 467 -24.76 -38.47 -42.38
CA ASP A 467 -24.75 -39.44 -41.23
C ASP A 467 -23.30 -39.75 -40.83
N ASP A 468 -22.32 -39.58 -41.72
CA ASP A 468 -20.88 -39.82 -41.44
C ASP A 468 -20.14 -38.47 -41.36
N GLY A 469 -20.86 -37.37 -41.17
CA GLY A 469 -20.30 -36.01 -41.28
C GLY A 469 -19.45 -35.62 -40.08
N VAL A 470 -18.50 -34.73 -40.31
CA VAL A 470 -17.62 -34.14 -39.26
C VAL A 470 -18.09 -32.71 -38.99
N SER A 471 -18.34 -32.36 -37.71
CA SER A 471 -18.33 -30.97 -37.21
C SER A 471 -16.91 -30.61 -36.77
N ILE A 472 -16.41 -29.48 -37.23
CA ILE A 472 -15.23 -28.75 -36.69
C ILE A 472 -15.72 -27.45 -36.07
N PRO A 473 -15.79 -27.32 -34.72
CA PRO A 473 -15.19 -28.27 -33.79
C PRO A 473 -16.08 -29.47 -33.40
N GLY A 474 -15.43 -30.58 -33.03
CA GLY A 474 -16.12 -31.78 -32.51
C GLY A 474 -16.53 -31.58 -31.07
N GLU A 475 -15.77 -30.75 -30.35
CA GLU A 475 -15.91 -30.69 -28.88
C GLU A 475 -15.41 -29.36 -28.34
N TYR A 476 -16.06 -28.90 -27.29
CA TYR A 476 -15.53 -27.81 -26.43
C TYR A 476 -15.91 -28.11 -24.98
N THR A 477 -15.10 -27.57 -24.09
CA THR A 477 -15.21 -27.73 -22.62
C THR A 477 -14.86 -26.40 -21.96
N SER A 478 -15.75 -25.92 -21.08
CA SER A 478 -15.54 -24.71 -20.25
C SER A 478 -14.76 -25.14 -19.02
N PHE A 479 -13.97 -24.22 -18.47
CA PHE A 479 -13.25 -24.41 -17.17
C PHE A 479 -13.55 -23.23 -16.23
N LEU A 480 -13.56 -23.50 -14.93
CA LEU A 480 -13.68 -22.46 -13.87
C LEU A 480 -12.51 -22.56 -12.90
N ALA A 481 -12.12 -21.45 -12.29
CA ALA A 481 -11.12 -21.39 -11.21
C ALA A 481 -11.51 -20.28 -10.25
N PRO A 482 -11.57 -20.51 -8.92
CA PRO A 482 -11.92 -19.45 -7.98
C PRO A 482 -10.79 -18.44 -7.95
N ILE A 483 -11.11 -17.16 -7.83
CA ILE A 483 -10.09 -16.09 -7.77
C ILE A 483 -10.35 -15.15 -6.59
N SER A 484 -9.27 -14.58 -6.09
CA SER A 484 -9.27 -13.43 -5.19
C SER A 484 -8.87 -12.23 -6.02
N SER A 485 -9.69 -11.18 -5.98
CA SER A 485 -9.33 -9.81 -6.42
C SER A 485 -10.29 -8.81 -5.80
N SER A 486 -9.83 -8.07 -4.80
CA SER A 486 -10.62 -6.96 -4.20
C SER A 486 -10.78 -5.84 -5.23
N LYS A 487 -9.82 -5.73 -6.16
CA LYS A 487 -9.84 -4.70 -7.24
C LYS A 487 -11.08 -4.96 -8.11
N LEU A 488 -11.25 -6.18 -8.61
CA LEU A 488 -12.31 -6.56 -9.57
C LEU A 488 -13.66 -6.59 -8.86
N TYR A 489 -13.74 -7.07 -7.62
CA TYR A 489 -14.98 -7.05 -6.83
C TYR A 489 -15.52 -5.63 -6.82
N ASN A 490 -14.64 -4.67 -6.56
CA ASN A 490 -14.97 -3.22 -6.42
C ASN A 490 -15.43 -2.65 -7.78
N GLU A 491 -14.76 -3.05 -8.86
CA GLU A 491 -15.10 -2.63 -10.24
C GLU A 491 -16.50 -3.12 -10.58
N VAL A 492 -16.79 -4.40 -10.34
CA VAL A 492 -18.15 -4.98 -10.55
C VAL A 492 -19.13 -4.13 -9.75
N ARG A 493 -18.88 -4.00 -8.44
CA ARG A 493 -19.81 -3.33 -7.49
C ARG A 493 -20.18 -1.97 -8.06
N ALA A 494 -19.23 -1.29 -8.68
CA ALA A 494 -19.43 0.09 -9.19
C ALA A 494 -20.21 0.07 -10.51
N CYS A 495 -20.70 -1.07 -10.99
CA CYS A 495 -21.51 -1.14 -12.24
C CYS A 495 -23.00 -1.11 -11.93
N ARG A 496 -23.40 -0.58 -10.78
CA ARG A 496 -24.83 -0.34 -10.47
C ARG A 496 -25.41 0.64 -11.48
N GLU A 497 -26.66 0.45 -11.88
CA GLU A 497 -27.42 1.31 -12.81
C GLU A 497 -28.86 1.54 -12.31
N LYS A 498 -29.32 2.77 -12.49
CA LYS A 498 -30.74 3.20 -12.34
C LYS A 498 -31.65 2.22 -13.07
N ASP A 499 -32.85 2.01 -12.50
CA ASP A 499 -33.97 1.33 -13.17
C ASP A 499 -33.66 -0.15 -13.41
N ARG A 500 -32.78 -0.74 -12.61
CA ARG A 500 -32.67 -2.22 -12.47
C ARG A 500 -32.31 -2.57 -11.03
N ASP A 501 -32.47 -3.85 -10.67
CA ASP A 501 -31.92 -4.46 -9.44
C ASP A 501 -30.61 -3.79 -9.07
N PRO A 502 -30.48 -3.24 -7.84
CA PRO A 502 -29.21 -2.68 -7.35
C PRO A 502 -28.04 -3.67 -7.28
N GLU A 503 -28.31 -4.96 -7.47
CA GLU A 503 -27.27 -6.03 -7.35
C GLU A 503 -27.16 -6.82 -8.64
N ALA A 504 -27.89 -6.44 -9.68
CA ALA A 504 -27.84 -7.10 -11.01
C ALA A 504 -26.40 -7.25 -11.52
N GLN A 505 -25.52 -6.25 -11.30
CA GLN A 505 -24.08 -6.25 -11.72
C GLN A 505 -23.41 -7.57 -11.37
N PHE A 506 -23.80 -8.14 -10.23
CA PHE A 506 -23.09 -9.26 -9.58
C PHE A 506 -23.61 -10.57 -10.16
N GLU A 507 -24.72 -10.52 -10.91
CA GLU A 507 -25.43 -11.72 -11.41
C GLU A 507 -25.25 -11.82 -12.92
N MET A 508 -24.11 -11.37 -13.43
CA MET A 508 -23.81 -11.46 -14.87
C MET A 508 -22.31 -11.62 -15.07
N PRO A 509 -21.91 -12.43 -16.08
CA PRO A 509 -20.50 -12.54 -16.46
C PRO A 509 -19.97 -11.31 -17.20
N TYR A 510 -18.68 -11.04 -16.97
CA TYR A 510 -17.90 -10.03 -17.72
C TYR A 510 -16.76 -10.77 -18.43
N VAL A 511 -16.47 -10.38 -19.67
CA VAL A 511 -15.18 -10.68 -20.31
C VAL A 511 -14.20 -9.64 -19.77
N VAL A 512 -12.98 -10.06 -19.41
CA VAL A 512 -11.97 -9.15 -18.81
C VAL A 512 -10.58 -9.79 -18.91
N ARG A 513 -9.57 -9.01 -19.33
CA ARG A 513 -8.14 -9.37 -19.17
C ARG A 513 -7.82 -9.34 -17.67
N LEU A 514 -8.15 -10.42 -16.97
CA LEU A 514 -7.86 -10.57 -15.52
C LEU A 514 -6.38 -10.26 -15.31
N HIS A 515 -6.06 -9.31 -14.44
CA HIS A 515 -4.67 -8.83 -14.23
C HIS A 515 -4.38 -8.77 -12.72
N ASN A 516 -4.92 -7.80 -11.98
CA ASN A 516 -4.70 -7.71 -10.52
C ASN A 516 -5.59 -8.76 -9.81
N PHE A 517 -5.12 -10.00 -9.70
CA PHE A 517 -5.91 -11.10 -9.09
C PHE A 517 -5.01 -12.27 -8.64
N HIS A 518 -5.63 -13.15 -7.85
CA HIS A 518 -5.03 -14.42 -7.38
C HIS A 518 -5.96 -15.58 -7.76
N GLN A 519 -5.46 -16.50 -8.57
CA GLN A 519 -6.10 -17.83 -8.79
C GLN A 519 -5.94 -18.65 -7.50
N LEU A 520 -7.05 -19.04 -6.87
CA LEU A 520 -7.06 -19.77 -5.59
C LEU A 520 -6.92 -21.27 -5.84
N SER A 521 -7.17 -21.77 -7.05
CA SER A 521 -7.12 -23.23 -7.31
C SER A 521 -6.99 -23.51 -8.80
N ALA A 522 -6.43 -24.65 -9.19
CA ALA A 522 -6.26 -25.01 -10.60
C ALA A 522 -7.64 -25.02 -11.25
N PRO A 523 -7.81 -24.52 -12.50
CA PRO A 523 -9.09 -24.61 -13.19
C PRO A 523 -9.61 -26.04 -13.24
N GLN A 524 -10.91 -26.24 -13.23
CA GLN A 524 -11.50 -27.58 -13.46
C GLN A 524 -12.54 -27.49 -14.57
N PRO A 525 -12.67 -28.53 -15.42
CA PRO A 525 -13.70 -28.53 -16.45
C PRO A 525 -15.06 -28.26 -15.78
N CYS A 526 -15.91 -27.47 -16.45
CA CYS A 526 -17.31 -27.18 -16.03
C CYS A 526 -18.28 -27.92 -16.98
N PHE A 527 -18.55 -27.40 -18.17
CA PHE A 527 -19.53 -28.01 -19.10
C PHE A 527 -18.81 -28.39 -20.40
N THR A 528 -19.26 -29.49 -21.00
CA THR A 528 -18.69 -30.04 -22.26
C THR A 528 -19.82 -30.33 -23.24
N PHE A 529 -19.55 -30.09 -24.52
CA PHE A 529 -20.49 -30.30 -25.64
C PHE A 529 -19.73 -30.98 -26.77
N SER A 530 -20.46 -31.87 -27.47
CA SER A 530 -20.01 -32.73 -28.57
C SER A 530 -20.91 -32.58 -29.79
N HIS A 531 -20.29 -32.57 -30.97
CA HIS A 531 -20.88 -32.25 -32.31
C HIS A 531 -20.29 -33.18 -33.38
N PRO A 532 -21.13 -33.95 -34.11
CA PRO A 532 -22.58 -33.97 -33.91
C PRO A 532 -23.02 -34.58 -32.57
N ASN A 533 -24.25 -34.30 -32.16
CA ASN A 533 -24.81 -34.78 -30.87
C ASN A 533 -25.77 -35.94 -31.15
N ARG A 534 -25.30 -37.15 -30.88
CA ARG A 534 -25.99 -38.41 -31.28
C ARG A 534 -27.25 -38.58 -30.43
N ASP A 535 -27.20 -38.16 -29.16
CA ASP A 535 -28.27 -38.33 -28.13
C ASP A 535 -29.63 -38.55 -28.78
N PRO A 536 -30.44 -39.47 -28.22
CA PRO A 536 -31.79 -39.69 -28.73
C PRO A 536 -32.60 -38.44 -28.37
N MET A 537 -32.68 -38.15 -27.07
CA MET A 537 -33.17 -36.87 -26.51
C MET A 537 -31.94 -36.02 -26.17
N ILE A 538 -31.69 -34.97 -26.95
CA ILE A 538 -30.61 -33.97 -26.70
C ILE A 538 -31.11 -33.01 -25.62
N ASP A 539 -30.31 -32.74 -24.58
CA ASP A 539 -30.66 -31.70 -23.56
C ASP A 539 -29.37 -30.94 -23.21
N ASN A 540 -29.33 -29.64 -23.54
CA ASN A 540 -28.12 -28.77 -23.41
C ASN A 540 -28.10 -28.07 -22.04
N ASN A 541 -29.07 -28.30 -21.16
CA ASN A 541 -28.99 -27.85 -19.75
C ASN A 541 -27.87 -28.63 -19.05
N ARG A 542 -27.41 -28.12 -17.91
CA ARG A 542 -26.29 -28.70 -17.16
C ARG A 542 -26.41 -28.30 -15.70
N TYR A 543 -25.84 -29.13 -14.84
CA TYR A 543 -25.63 -28.90 -13.40
C TYR A 543 -24.30 -29.55 -13.02
N CYS A 544 -23.32 -28.75 -12.66
CA CYS A 544 -21.95 -29.18 -12.34
C CYS A 544 -21.67 -28.81 -10.90
N THR A 545 -20.98 -29.67 -10.15
CA THR A 545 -20.43 -29.31 -8.81
C THR A 545 -18.91 -29.37 -8.88
N LEU A 546 -18.21 -28.33 -8.43
CA LEU A 546 -16.73 -28.30 -8.42
C LEU A 546 -16.23 -28.03 -7.01
N GLU A 547 -15.21 -28.78 -6.60
CA GLU A 547 -14.49 -28.60 -5.32
C GLU A 547 -13.06 -28.15 -5.63
N PHE A 548 -12.71 -26.98 -5.11
CA PHE A 548 -11.40 -26.34 -5.29
C PHE A 548 -10.67 -26.39 -3.97
N PRO A 549 -9.70 -27.32 -3.82
CA PRO A 549 -8.86 -27.33 -2.63
C PRO A 549 -8.06 -26.04 -2.62
N VAL A 550 -8.05 -25.33 -1.49
CA VAL A 550 -7.32 -24.04 -1.35
C VAL A 550 -6.28 -24.19 -0.24
N GLU A 551 -5.05 -23.84 -0.57
CA GLU A 551 -3.84 -24.06 0.25
C GLU A 551 -3.38 -22.70 0.80
N VAL A 552 -4.23 -21.67 0.75
CA VAL A 552 -3.88 -20.34 1.33
C VAL A 552 -5.07 -19.80 2.15
N ASN A 553 -4.80 -18.76 2.92
CA ASN A 553 -5.86 -17.88 3.50
C ASN A 553 -6.10 -16.82 2.44
N THR A 554 -7.32 -16.31 2.31
CA THR A 554 -7.75 -15.52 1.11
C THR A 554 -9.22 -15.07 1.24
N VAL A 555 -9.68 -14.29 0.26
CA VAL A 555 -11.10 -13.87 0.11
C VAL A 555 -11.53 -14.14 -1.32
N LEU A 556 -12.54 -15.00 -1.49
CA LEU A 556 -13.14 -15.36 -2.79
C LEU A 556 -14.01 -14.20 -3.26
N HIS A 557 -13.77 -13.73 -4.48
CA HIS A 557 -14.53 -12.60 -5.10
C HIS A 557 -15.28 -13.08 -6.36
N GLY A 558 -14.97 -14.26 -6.90
CA GLY A 558 -15.56 -14.77 -8.14
C GLY A 558 -14.77 -15.91 -8.75
N PHE A 559 -15.16 -16.29 -9.97
CA PHE A 559 -14.66 -17.48 -10.72
C PHE A 559 -14.25 -17.00 -12.11
N ALA A 560 -12.98 -17.14 -12.43
CA ALA A 560 -12.43 -16.99 -13.80
C ALA A 560 -12.97 -18.15 -14.62
N GLY A 561 -13.46 -17.87 -15.83
CA GLY A 561 -13.84 -18.89 -16.80
C GLY A 561 -12.89 -18.85 -17.98
N TYR A 562 -12.67 -20.01 -18.57
CA TYR A 562 -11.81 -20.26 -19.74
C TYR A 562 -12.47 -21.38 -20.52
N PHE A 563 -11.89 -21.78 -21.65
CA PHE A 563 -12.43 -22.91 -22.43
C PHE A 563 -11.29 -23.57 -23.21
N GLU A 564 -11.58 -24.78 -23.66
CA GLU A 564 -10.76 -25.53 -24.65
C GLU A 564 -11.72 -26.11 -25.67
N THR A 565 -11.30 -26.14 -26.93
CA THR A 565 -12.06 -26.82 -27.99
C THR A 565 -11.10 -27.68 -28.80
N VAL A 566 -11.61 -28.87 -29.16
CA VAL A 566 -11.02 -29.72 -30.21
C VAL A 566 -11.67 -29.32 -31.54
N LEU A 567 -10.87 -28.66 -32.39
CA LEU A 567 -11.23 -28.40 -33.81
C LEU A 567 -11.33 -29.75 -34.52
N TYR A 568 -10.29 -30.59 -34.41
CA TYR A 568 -10.20 -31.91 -35.10
C TYR A 568 -8.97 -32.69 -34.62
N GLN A 569 -9.21 -33.87 -34.05
CA GLN A 569 -8.16 -34.80 -33.56
C GLN A 569 -7.28 -34.03 -32.58
N ASP A 570 -6.01 -33.77 -32.93
CA ASP A 570 -5.04 -33.13 -32.01
C ASP A 570 -5.05 -31.62 -32.18
N ILE A 571 -5.81 -31.06 -33.12
CA ILE A 571 -5.76 -29.58 -33.33
C ILE A 571 -6.83 -28.93 -32.46
N THR A 572 -6.36 -28.01 -31.60
CA THR A 572 -7.18 -27.41 -30.53
C THR A 572 -6.97 -25.90 -30.49
N LEU A 573 -7.88 -25.26 -29.77
CA LEU A 573 -7.73 -23.88 -29.28
C LEU A 573 -8.01 -23.91 -27.77
N SER A 574 -7.28 -23.07 -27.04
CA SER A 574 -7.41 -22.95 -25.57
C SER A 574 -7.05 -21.55 -25.11
N ILE A 575 -7.81 -21.04 -24.13
CA ILE A 575 -7.41 -19.88 -23.29
C ILE A 575 -7.17 -20.32 -21.85
N ARG A 576 -7.49 -21.58 -21.51
CA ARG A 576 -7.06 -22.21 -20.24
C ARG A 576 -5.58 -21.97 -20.02
N PRO A 577 -5.15 -21.20 -18.99
CA PRO A 577 -3.75 -20.79 -18.86
C PRO A 577 -2.72 -21.93 -19.01
N GLU A 578 -2.99 -23.10 -18.43
CA GLU A 578 -2.07 -24.27 -18.45
C GLU A 578 -1.86 -24.76 -19.89
N THR A 579 -2.80 -24.50 -20.81
CA THR A 579 -2.78 -25.03 -22.19
C THR A 579 -3.06 -23.92 -23.22
N HIS A 580 -2.99 -22.65 -22.81
CA HIS A 580 -3.24 -21.46 -23.64
C HIS A 580 -2.62 -21.67 -25.03
N SER A 581 -3.38 -21.49 -26.12
CA SER A 581 -2.84 -21.58 -27.51
C SER A 581 -1.81 -20.46 -27.63
N PRO A 582 -0.51 -20.72 -27.91
CA PRO A 582 0.50 -19.67 -27.79
C PRO A 582 0.33 -18.62 -28.90
N GLY A 583 0.45 -17.33 -28.53
CA GLY A 583 0.40 -16.17 -29.46
C GLY A 583 -0.98 -15.94 -30.06
N MET A 584 -2.04 -16.58 -29.56
CA MET A 584 -3.45 -16.35 -29.98
C MET A 584 -4.06 -15.28 -29.07
N PHE A 585 -4.36 -14.09 -29.61
CA PHE A 585 -4.88 -12.97 -28.78
C PHE A 585 -6.42 -12.99 -28.67
N SER A 586 -7.16 -13.81 -29.43
CA SER A 586 -8.65 -13.86 -29.36
C SER A 586 -9.12 -14.47 -28.03
N TRP A 587 -10.18 -13.90 -27.44
CA TRP A 587 -10.94 -14.41 -26.26
C TRP A 587 -10.18 -14.13 -24.97
N PHE A 588 -10.47 -13.03 -24.27
CA PHE A 588 -10.02 -12.82 -22.89
C PHE A 588 -10.82 -13.74 -21.98
N PRO A 589 -10.35 -13.95 -20.74
CA PRO A 589 -11.11 -14.71 -19.75
C PRO A 589 -12.44 -14.03 -19.40
N ILE A 590 -13.34 -14.84 -18.85
CA ILE A 590 -14.69 -14.44 -18.38
C ILE A 590 -14.66 -14.47 -16.85
N LEU A 591 -15.57 -13.77 -16.18
CA LEU A 591 -15.57 -13.61 -14.71
C LEU A 591 -17.00 -13.65 -14.19
N PHE A 592 -17.33 -14.67 -13.41
CA PHE A 592 -18.59 -14.75 -12.63
C PHE A 592 -18.34 -14.13 -11.25
N PRO A 593 -18.93 -12.97 -10.91
CA PRO A 593 -18.76 -12.39 -9.59
C PRO A 593 -19.63 -13.14 -8.58
N ILE A 594 -19.48 -12.81 -7.30
CA ILE A 594 -20.45 -13.16 -6.22
C ILE A 594 -20.73 -11.89 -5.42
N LYS A 595 -21.98 -11.72 -4.92
CA LYS A 595 -22.47 -10.49 -4.24
C LYS A 595 -21.64 -10.19 -2.98
N GLN A 596 -21.38 -11.20 -2.14
CA GLN A 596 -20.62 -11.01 -0.88
C GLN A 596 -19.33 -11.81 -0.95
N PRO A 597 -18.16 -11.16 -0.76
CA PRO A 597 -16.88 -11.88 -0.71
C PRO A 597 -16.92 -12.95 0.38
N ILE A 598 -16.24 -14.07 0.18
CA ILE A 598 -16.27 -15.20 1.14
C ILE A 598 -14.83 -15.46 1.59
N THR A 599 -14.55 -15.23 2.88
CA THR A 599 -13.30 -15.61 3.58
C THR A 599 -13.04 -17.11 3.41
N VAL A 600 -11.83 -17.47 2.97
CA VAL A 600 -11.42 -18.89 2.86
C VAL A 600 -10.09 -19.07 3.61
N ARG A 601 -10.00 -20.14 4.42
CA ARG A 601 -8.83 -20.44 5.27
C ARG A 601 -8.02 -21.58 4.64
N GLU A 602 -6.70 -21.46 4.71
CA GLU A 602 -5.79 -22.48 4.15
C GLU A 602 -6.35 -23.84 4.56
N GLY A 603 -6.38 -24.80 3.63
CA GLY A 603 -6.89 -26.15 3.90
C GLY A 603 -8.34 -26.32 3.53
N GLN A 604 -9.15 -25.26 3.58
CA GLN A 604 -10.59 -25.33 3.27
C GLN A 604 -10.77 -25.58 1.76
N THR A 605 -11.89 -26.21 1.39
CA THR A 605 -12.35 -26.44 0.01
C THR A 605 -13.43 -25.42 -0.32
N ILE A 606 -13.31 -24.76 -1.46
CA ILE A 606 -14.39 -23.94 -2.09
C ILE A 606 -15.22 -24.90 -2.93
N CYS A 607 -16.50 -25.03 -2.63
CA CYS A 607 -17.43 -25.78 -3.49
C CYS A 607 -18.33 -24.79 -4.22
N VAL A 608 -18.26 -24.78 -5.56
CA VAL A 608 -19.16 -23.96 -6.39
C VAL A 608 -20.07 -24.86 -7.23
N ARG A 609 -21.27 -24.34 -7.48
CA ARG A 609 -22.31 -25.03 -8.26
C ARG A 609 -22.67 -24.10 -9.42
N PHE A 610 -22.67 -24.63 -10.63
CA PHE A 610 -23.05 -23.91 -11.86
C PHE A 610 -24.16 -24.69 -12.57
N TRP A 611 -25.18 -23.96 -13.01
CA TRP A 611 -26.25 -24.50 -13.90
C TRP A 611 -26.20 -23.80 -15.27
N ARG A 612 -26.43 -24.56 -16.33
CA ARG A 612 -26.87 -24.01 -17.64
C ARG A 612 -28.36 -24.27 -17.74
N CYS A 613 -29.14 -23.20 -17.89
CA CYS A 613 -30.63 -23.21 -17.90
C CYS A 613 -31.12 -22.61 -19.22
N SER A 614 -32.37 -22.93 -19.63
CA SER A 614 -32.97 -22.41 -20.88
C SER A 614 -34.50 -22.48 -20.88
N ASN A 615 -35.11 -21.61 -21.70
CA ASN A 615 -36.41 -21.70 -22.42
C ASN A 615 -36.13 -21.97 -23.89
N SER A 616 -37.21 -21.96 -24.68
CA SER A 616 -37.24 -21.71 -26.14
C SER A 616 -36.65 -20.33 -26.48
N LYS A 617 -36.70 -19.37 -25.56
CA LYS A 617 -36.34 -17.95 -25.80
C LYS A 617 -34.89 -17.63 -25.41
N LYS A 618 -34.40 -18.19 -24.30
CA LYS A 618 -33.14 -17.72 -23.68
C LYS A 618 -32.46 -18.88 -22.95
N VAL A 619 -31.13 -18.81 -22.88
CA VAL A 619 -30.23 -19.71 -22.12
C VAL A 619 -29.56 -18.82 -21.08
N TRP A 620 -29.31 -19.29 -19.87
CA TRP A 620 -28.53 -18.49 -18.90
C TRP A 620 -27.75 -19.40 -17.95
N TYR A 621 -26.82 -18.83 -17.18
CA TYR A 621 -26.10 -19.51 -16.08
C TYR A 621 -26.68 -19.05 -14.74
N GLU A 622 -26.83 -19.98 -13.81
CA GLU A 622 -27.06 -19.70 -12.38
C GLU A 622 -25.84 -20.26 -11.66
N TRP A 623 -25.53 -19.75 -10.48
CA TRP A 623 -24.36 -20.27 -9.73
C TRP A 623 -24.51 -19.96 -8.24
N ALA A 624 -23.98 -20.85 -7.42
CA ALA A 624 -23.96 -20.78 -5.95
C ALA A 624 -22.63 -21.35 -5.43
N VAL A 625 -21.98 -20.65 -4.51
CA VAL A 625 -20.91 -21.20 -3.63
C VAL A 625 -21.63 -21.89 -2.48
N THR A 626 -21.29 -23.15 -2.17
CA THR A 626 -21.92 -23.94 -1.07
C THR A 626 -20.89 -24.32 0.01
N ALA A 627 -19.60 -23.97 -0.15
CA ALA A 627 -18.53 -24.20 0.86
C ALA A 627 -17.37 -23.25 0.61
N PRO A 628 -16.66 -22.73 1.64
CA PRO A 628 -16.91 -23.04 3.04
C PRO A 628 -18.21 -22.51 3.65
N VAL A 629 -18.90 -21.61 2.96
CA VAL A 629 -20.26 -21.11 3.35
C VAL A 629 -21.10 -21.05 2.08
N CYS A 630 -22.41 -20.88 2.19
CA CYS A 630 -23.28 -20.73 1.00
C CYS A 630 -23.36 -19.26 0.64
N SER A 631 -23.35 -19.00 -0.65
CA SER A 631 -23.83 -17.74 -1.27
C SER A 631 -25.32 -17.85 -1.51
N ALA A 632 -25.94 -16.74 -1.92
CA ALA A 632 -27.20 -16.75 -2.68
C ALA A 632 -26.92 -17.45 -4.01
N ILE A 633 -27.94 -18.09 -4.56
CA ILE A 633 -27.97 -18.49 -5.99
C ILE A 633 -27.92 -17.19 -6.81
N HIS A 634 -27.00 -17.11 -7.78
CA HIS A 634 -26.81 -15.90 -8.61
C HIS A 634 -27.59 -16.10 -9.91
N ASN A 635 -28.38 -15.10 -10.31
CA ASN A 635 -29.08 -15.00 -11.61
C ASN A 635 -30.20 -16.04 -11.69
N PRO A 636 -31.00 -16.24 -10.62
CA PRO A 636 -32.10 -17.20 -10.67
C PRO A 636 -33.10 -16.78 -11.74
N THR A 637 -33.53 -17.71 -12.61
CA THR A 637 -34.58 -17.43 -13.63
C THR A 637 -34.01 -16.59 -14.79
N GLY A 638 -32.71 -16.26 -14.78
CA GLY A 638 -32.11 -15.35 -15.78
C GLY A 638 -32.55 -13.94 -15.53
N ARG A 639 -32.88 -13.62 -14.28
CA ARG A 639 -33.48 -12.32 -13.93
C ARG A 639 -32.49 -11.17 -14.15
N SER A 640 -31.18 -11.38 -14.12
CA SER A 640 -30.20 -10.28 -14.32
C SER A 640 -29.47 -10.46 -15.64
N TYR A 641 -29.50 -11.65 -16.21
CA TYR A 641 -28.63 -11.97 -17.37
C TYR A 641 -29.13 -13.19 -18.12
N THR A 642 -29.35 -13.04 -19.42
CA THR A 642 -29.74 -14.14 -20.33
C THR A 642 -29.08 -13.95 -21.68
N ILE A 643 -29.04 -15.02 -22.44
CA ILE A 643 -28.44 -15.08 -23.79
C ILE A 643 -29.58 -15.43 -24.72
N GLY A 644 -29.82 -14.63 -25.76
CA GLY A 644 -31.03 -14.73 -26.59
C GLY A 644 -30.91 -15.85 -27.60
N LEU A 645 -32.01 -16.58 -27.84
CA LEU A 645 -32.04 -17.77 -28.73
C LEU A 645 -32.50 -17.45 -30.16
N LEU B 27 22.15 41.81 18.31
CA LEU B 27 22.48 40.47 17.72
C LEU B 27 23.97 40.41 17.37
N PRO B 28 24.78 39.58 18.07
CA PRO B 28 26.19 39.33 17.74
C PRO B 28 26.53 38.99 16.29
N PRO B 29 27.83 38.80 15.93
CA PRO B 29 28.19 38.30 14.60
C PRO B 29 27.69 36.85 14.43
N ASN B 30 27.03 36.54 13.30
CA ASN B 30 26.55 35.19 12.90
C ASN B 30 25.20 34.87 13.58
N ALA B 31 24.58 35.84 14.28
CA ALA B 31 23.34 35.66 15.07
C ALA B 31 22.13 36.16 14.26
N PRO B 32 21.04 35.36 14.10
CA PRO B 32 19.81 35.84 13.46
C PRO B 32 19.15 37.06 14.13
N ALA B 33 18.62 37.97 13.30
CA ALA B 33 17.87 39.18 13.71
C ALA B 33 16.65 38.76 14.54
N CYS B 34 16.06 37.61 14.20
CA CYS B 34 14.79 37.09 14.78
C CYS B 34 14.95 35.60 15.17
N MET B 35 14.35 35.23 16.30
CA MET B 35 14.41 33.87 16.90
C MET B 35 13.06 33.17 16.72
N GLU B 36 13.08 31.98 16.09
CA GLU B 36 11.91 31.08 15.89
C GLU B 36 11.03 31.04 17.15
N ARG B 37 9.72 30.90 16.95
CA ARG B 37 8.69 31.18 17.99
C ARG B 37 8.69 30.07 19.05
N GLN B 38 8.82 28.81 18.62
CA GLN B 38 8.53 27.63 19.47
C GLN B 38 9.79 27.25 20.26
N LEU B 39 9.84 27.67 21.53
CA LEU B 39 10.99 27.43 22.43
C LEU B 39 10.89 26.00 22.95
N GLU B 40 11.89 25.18 22.56
CA GLU B 40 11.89 23.71 22.64
C GLU B 40 12.80 23.19 23.77
N ALA B 41 13.93 23.88 24.05
CA ALA B 41 14.98 23.42 24.98
C ALA B 41 15.60 24.60 25.75
N ALA B 42 15.79 24.41 27.06
CA ALA B 42 16.39 25.35 28.04
C ALA B 42 17.33 24.58 28.98
N ARG B 43 18.63 24.93 28.97
CA ARG B 43 19.70 24.19 29.67
C ARG B 43 20.77 25.15 30.20
N TYR B 44 20.74 25.47 31.49
CA TYR B 44 21.84 26.16 32.22
C TYR B 44 23.11 25.32 32.18
N ARG B 45 24.21 25.95 31.80
CA ARG B 45 25.62 25.48 32.01
C ARG B 45 25.97 25.66 33.49
N SER B 46 27.09 25.06 33.93
CA SER B 46 27.66 25.14 35.31
C SER B 46 27.69 26.59 35.80
N ASP B 47 28.12 27.51 34.93
CA ASP B 47 28.39 28.94 35.25
C ASP B 47 27.13 29.81 35.24
N GLY B 48 25.95 29.28 34.86
CA GLY B 48 24.64 29.99 34.93
C GLY B 48 24.21 30.60 33.60
N ALA B 49 25.02 30.47 32.55
CA ALA B 49 24.72 30.82 31.14
C ALA B 49 23.63 29.88 30.57
N LEU B 50 22.74 30.39 29.70
CA LEU B 50 21.50 29.68 29.25
C LEU B 50 21.59 29.30 27.78
N LEU B 51 21.48 27.99 27.50
CA LEU B 51 21.34 27.40 26.14
C LEU B 51 19.86 27.34 25.76
N LEU B 52 19.51 27.95 24.62
CA LEU B 52 18.15 27.86 24.00
C LEU B 52 18.25 27.18 22.64
N GLY B 53 17.42 26.16 22.47
CA GLY B 53 16.99 25.65 21.16
C GLY B 53 15.59 26.16 20.88
N ALA B 54 15.31 26.45 19.61
CA ALA B 54 13.97 26.86 19.13
C ALA B 54 13.76 26.35 17.71
N SER B 55 12.53 25.92 17.40
CA SER B 55 12.04 25.56 16.03
C SER B 55 11.03 26.59 15.53
N SER B 56 10.95 26.69 14.21
CA SER B 56 9.80 27.21 13.42
C SER B 56 8.88 26.04 13.06
N LEU B 57 7.75 25.92 13.77
CA LEU B 57 6.77 24.80 13.61
C LEU B 57 5.56 25.21 12.74
N SER B 58 5.67 26.34 12.03
CA SER B 58 4.58 26.98 11.23
C SER B 58 5.16 28.09 10.33
N GLY B 59 4.36 28.64 9.41
CA GLY B 59 4.82 29.62 8.42
C GLY B 59 5.69 28.99 7.33
N ARG B 60 6.24 29.82 6.46
CA ARG B 60 6.91 29.42 5.19
C ARG B 60 8.09 28.50 5.49
N CYS B 61 8.90 28.86 6.48
CA CYS B 61 10.22 28.24 6.77
C CYS B 61 10.11 27.41 8.07
N TRP B 62 10.31 26.10 7.97
CA TRP B 62 10.29 25.15 9.12
C TRP B 62 11.73 24.77 9.48
N ALA B 63 12.38 25.61 10.27
CA ALA B 63 13.81 25.49 10.65
C ALA B 63 13.94 25.73 12.16
N GLY B 64 15.14 26.10 12.60
CA GLY B 64 15.45 26.23 14.05
C GLY B 64 16.77 26.93 14.31
N SER B 65 17.08 27.12 15.58
CA SER B 65 18.16 28.02 16.06
C SER B 65 18.68 27.59 17.44
N LEU B 66 19.94 27.94 17.69
CA LEU B 66 20.65 27.76 18.97
C LEU B 66 21.11 29.15 19.44
N TRP B 67 20.88 29.44 20.73
CA TRP B 67 21.18 30.73 21.41
C TRP B 67 21.92 30.49 22.73
N LEU B 68 22.93 31.31 23.03
CA LEU B 68 23.61 31.38 24.36
C LEU B 68 23.30 32.73 25.01
N PHE B 69 22.75 32.70 26.23
CA PHE B 69 22.34 33.88 27.04
C PHE B 69 23.09 33.88 28.38
N LYS B 70 24.26 34.53 28.41
CA LYS B 70 25.13 34.68 29.62
C LYS B 70 24.42 35.59 30.63
N ASP B 71 23.55 36.48 30.17
CA ASP B 71 22.46 37.06 31.00
C ASP B 71 21.19 36.23 30.77
N PRO B 72 20.79 35.37 31.73
CA PRO B 72 19.59 34.57 31.55
C PRO B 72 18.29 35.38 31.65
N CYS B 73 18.35 36.59 32.23
CA CYS B 73 17.17 37.47 32.42
C CYS B 73 16.85 38.24 31.12
N ALA B 74 17.78 38.20 30.14
CA ALA B 74 17.69 38.90 28.84
C ALA B 74 16.95 38.04 27.80
N ALA B 75 16.93 36.72 27.95
CA ALA B 75 16.18 35.79 27.06
C ALA B 75 14.68 36.00 27.27
N PRO B 76 13.85 35.89 26.21
CA PRO B 76 14.26 35.32 24.92
C PRO B 76 14.78 36.32 23.87
N ASN B 77 14.99 37.58 24.25
CA ASN B 77 15.20 38.73 23.33
C ASN B 77 16.55 38.60 22.60
N GLU B 78 16.54 38.57 21.27
CA GLU B 78 17.65 38.12 20.36
C GLU B 78 18.84 39.08 20.36
N GLY B 79 18.63 40.37 20.66
CA GLY B 79 19.69 41.41 20.61
C GLY B 79 20.35 41.62 21.96
N PHE B 80 19.96 40.82 22.94
CA PHE B 80 20.60 40.74 24.28
C PHE B 80 21.24 39.37 24.47
N CYS B 81 21.78 38.77 23.41
CA CYS B 81 22.31 37.38 23.41
C CYS B 81 23.83 37.39 23.24
N SER B 82 24.51 36.42 23.87
CA SER B 82 25.97 36.20 23.80
C SER B 82 26.34 35.58 22.44
N ALA B 83 25.58 34.57 21.98
CA ALA B 83 25.73 33.93 20.65
C ALA B 83 24.39 33.37 20.16
N GLY B 84 24.26 33.21 18.85
CA GLY B 84 23.09 32.58 18.21
C GLY B 84 23.44 32.02 16.84
N VAL B 85 22.75 30.96 16.39
CA VAL B 85 22.90 30.47 15.00
C VAL B 85 21.63 29.76 14.51
N GLN B 86 21.49 29.77 13.18
CA GLN B 86 20.41 29.14 12.36
C GLN B 86 20.82 27.68 12.11
N THR B 87 19.90 26.74 12.34
CA THR B 87 20.03 25.30 11.98
C THR B 87 19.19 25.03 10.73
N GLU B 88 19.66 24.18 9.81
CA GLU B 88 18.93 23.80 8.56
C GLU B 88 17.46 23.53 8.89
N ALA B 89 17.21 22.75 9.94
CA ALA B 89 15.88 22.21 10.31
C ALA B 89 15.61 22.50 11.79
N GLY B 90 14.42 22.11 12.26
CA GLY B 90 13.97 22.33 13.65
C GLY B 90 14.74 21.45 14.63
N VAL B 91 14.74 21.86 15.89
CA VAL B 91 15.46 21.17 17.00
C VAL B 91 14.38 20.46 17.84
N ALA B 92 14.37 19.14 17.80
CA ALA B 92 13.42 18.30 18.57
C ALA B 92 13.96 18.15 20.00
N ASP B 93 15.28 17.93 20.15
CA ASP B 93 15.92 17.86 21.49
C ASP B 93 17.30 18.52 21.48
N LEU B 94 17.79 18.81 22.69
CA LEU B 94 19.07 19.51 22.95
C LEU B 94 19.80 18.91 24.14
N THR B 95 21.14 18.93 24.09
CA THR B 95 21.98 18.76 25.30
C THR B 95 23.32 19.46 25.11
N TRP B 96 23.73 20.17 26.17
CA TRP B 96 25.13 20.55 26.48
C TRP B 96 26.02 19.31 26.33
N VAL B 97 27.24 19.49 25.84
CA VAL B 97 28.35 18.51 26.03
C VAL B 97 29.44 19.24 26.81
N GLY B 98 29.51 18.96 28.11
CA GLY B 98 30.38 19.69 29.05
C GLY B 98 29.98 21.15 29.07
N GLU B 99 30.90 22.05 28.66
CA GLU B 99 30.78 23.52 28.82
C GLU B 99 30.77 24.27 27.47
N ARG B 100 31.13 23.63 26.36
CA ARG B 100 31.18 24.30 25.01
C ARG B 100 30.46 23.50 23.91
N GLY B 101 30.07 22.25 24.16
CA GLY B 101 29.45 21.39 23.14
C GLY B 101 27.93 21.54 23.15
N ILE B 102 27.29 21.58 21.97
CA ILE B 102 25.82 21.42 21.88
C ILE B 102 25.50 20.27 20.91
N LEU B 103 24.90 19.22 21.46
CA LEU B 103 24.44 18.04 20.69
C LEU B 103 22.94 18.21 20.38
N VAL B 104 22.58 18.07 19.11
CA VAL B 104 21.28 18.52 18.54
C VAL B 104 20.57 17.37 17.83
N ALA B 105 19.35 17.05 18.28
CA ALA B 105 18.37 16.14 17.63
C ALA B 105 17.53 16.92 16.62
N SER B 106 17.77 16.69 15.31
CA SER B 106 17.12 17.42 14.19
C SER B 106 15.91 16.68 13.60
N ASP B 107 14.99 17.46 12.98
CA ASP B 107 13.89 16.96 12.11
C ASP B 107 14.51 16.23 10.91
N SER B 108 15.72 16.62 10.51
CA SER B 108 16.40 16.20 9.25
C SER B 108 16.80 14.72 9.30
N GLY B 109 16.76 14.10 10.49
CA GLY B 109 17.28 12.74 10.75
C GLY B 109 18.75 12.76 11.15
N ALA B 110 19.30 13.97 11.30
CA ALA B 110 20.70 14.20 11.68
C ALA B 110 20.75 14.43 13.19
N VAL B 111 21.74 13.82 13.84
CA VAL B 111 22.33 14.34 15.10
C VAL B 111 23.44 15.29 14.69
N GLU B 112 23.46 16.51 15.24
CA GLU B 112 24.54 17.47 14.89
C GLU B 112 25.19 18.02 16.16
N LEU B 113 26.52 18.09 16.10
CA LEU B 113 27.40 18.64 17.16
C LEU B 113 27.81 20.05 16.75
N TRP B 114 27.35 21.03 17.52
CA TRP B 114 27.74 22.45 17.43
C TRP B 114 28.77 22.72 18.54
N GLU B 115 29.89 23.33 18.15
CA GLU B 115 31.02 23.75 19.02
C GLU B 115 30.84 25.23 19.35
N LEU B 116 31.13 25.64 20.58
CA LEU B 116 31.19 27.08 20.94
C LEU B 116 32.48 27.68 20.36
N ASP B 117 32.55 29.01 20.39
CA ASP B 117 33.70 29.85 19.97
C ASP B 117 34.60 29.98 21.20
N GLU B 118 35.89 30.27 20.99
CA GLU B 118 36.87 30.59 22.08
C GLU B 118 36.30 31.74 22.92
N ASN B 119 36.14 32.94 22.32
CA ASN B 119 35.53 34.12 22.98
C ASN B 119 34.09 33.79 23.37
N GLU B 120 33.47 32.86 22.62
CA GLU B 120 32.09 32.32 22.81
C GLU B 120 31.10 33.32 22.20
N THR B 121 31.42 33.86 21.03
CA THR B 121 30.66 34.97 20.38
C THR B 121 29.86 34.41 19.20
N LEU B 122 30.28 33.29 18.62
CA LEU B 122 29.45 32.55 17.62
C LEU B 122 29.34 31.07 17.99
N ILE B 123 28.45 30.34 17.30
CA ILE B 123 28.27 28.87 17.44
C ILE B 123 28.49 28.26 16.05
N VAL B 124 29.29 27.21 15.95
CA VAL B 124 29.82 26.71 14.65
C VAL B 124 29.64 25.19 14.60
N SER B 125 29.20 24.68 13.44
CA SER B 125 28.93 23.24 13.20
C SER B 125 30.25 22.49 13.28
N LYS B 126 30.28 21.42 14.07
CA LYS B 126 31.48 20.56 14.28
C LYS B 126 31.28 19.26 13.51
N PHE B 127 30.08 18.66 13.59
CA PHE B 127 29.61 17.55 12.72
C PHE B 127 28.09 17.58 12.63
N CYS B 128 27.58 17.06 11.51
CA CYS B 128 26.13 16.93 11.18
C CYS B 128 25.92 15.62 10.40
N LYS B 129 25.40 14.58 11.04
CA LYS B 129 25.38 13.21 10.46
C LYS B 129 23.94 12.73 10.27
N TYR B 130 23.62 12.43 9.00
CA TYR B 130 22.28 11.99 8.57
C TYR B 130 22.22 10.47 8.68
N GLU B 131 21.98 9.97 9.90
CA GLU B 131 22.07 8.52 10.19
C GLU B 131 20.68 7.92 10.46
N HIS B 132 19.76 8.72 11.01
CA HIS B 132 18.34 8.34 11.24
C HIS B 132 17.50 8.55 9.97
N ASP B 133 16.45 7.77 9.82
CA ASP B 133 15.59 7.79 8.61
C ASP B 133 14.38 8.68 8.84
N ASP B 134 14.22 9.23 10.05
CA ASP B 134 13.10 10.13 10.42
C ASP B 134 13.55 11.11 11.50
N ILE B 135 12.73 12.10 11.79
CA ILE B 135 12.93 13.07 12.91
C ILE B 135 13.66 12.35 14.05
N VAL B 136 14.79 12.93 14.46
CA VAL B 136 15.53 12.60 15.71
C VAL B 136 14.82 13.30 16.86
N SER B 137 14.20 12.53 17.76
CA SER B 137 13.20 13.03 18.74
C SER B 137 13.89 13.35 20.06
N THR B 138 15.02 12.69 20.32
CA THR B 138 15.62 12.58 21.68
C THR B 138 17.11 12.27 21.55
N VAL B 139 17.92 13.02 22.31
CA VAL B 139 19.39 12.78 22.57
C VAL B 139 19.64 12.87 24.08
N SER B 140 20.68 12.17 24.51
CA SER B 140 21.28 12.21 25.87
C SER B 140 22.78 11.95 25.76
N VAL B 141 23.61 12.70 26.49
CA VAL B 141 25.08 12.41 26.62
C VAL B 141 25.24 11.40 27.76
N LEU B 142 26.06 10.37 27.53
CA LEU B 142 26.37 9.32 28.53
C LEU B 142 27.47 9.85 29.49
N SER B 143 27.45 9.41 30.76
CA SER B 143 28.27 9.96 31.88
C SER B 143 29.74 10.13 31.43
N SER B 144 30.23 9.22 30.58
CA SER B 144 31.49 9.36 29.82
C SER B 144 31.73 10.83 29.43
N GLY B 145 30.85 11.41 28.61
CA GLY B 145 31.03 12.75 28.01
C GLY B 145 31.58 12.66 26.60
N THR B 146 31.91 11.46 26.14
CA THR B 146 32.57 11.19 24.84
C THR B 146 31.64 10.35 23.95
N GLN B 147 30.48 9.93 24.50
CA GLN B 147 29.42 9.16 23.80
C GLN B 147 28.05 9.76 24.10
N ALA B 148 27.14 9.64 23.14
CA ALA B 148 25.70 9.98 23.33
C ALA B 148 24.84 8.92 22.64
N VAL B 149 23.58 8.87 23.07
CA VAL B 149 22.51 8.02 22.49
C VAL B 149 21.35 8.92 22.05
N SER B 150 21.03 8.88 20.76
CA SER B 150 19.82 9.46 20.12
C SER B 150 18.69 8.43 20.04
N GLY B 151 17.44 8.91 19.95
CA GLY B 151 16.26 8.12 19.58
C GLY B 151 15.50 8.87 18.51
N SER B 152 14.63 8.16 17.78
CA SER B 152 14.04 8.68 16.51
C SER B 152 12.63 8.10 16.29
N LYS B 153 11.88 8.74 15.41
CA LYS B 153 10.58 8.23 14.92
C LYS B 153 10.81 7.02 14.00
N ASP B 154 12.02 6.87 13.47
CA ASP B 154 12.42 5.69 12.67
C ASP B 154 12.51 4.44 13.57
N ILE B 155 12.29 4.57 14.88
CA ILE B 155 12.10 3.46 15.88
C ILE B 155 13.46 2.99 16.43
N CYS B 156 14.57 3.42 15.83
CA CYS B 156 15.95 3.03 16.23
C CYS B 156 16.45 3.90 17.37
N ILE B 157 17.42 3.34 18.10
CA ILE B 157 18.26 4.04 19.12
C ILE B 157 19.71 3.80 18.74
N LYS B 158 20.47 4.88 18.55
CA LYS B 158 21.88 4.83 18.10
C LYS B 158 22.79 5.25 19.25
N VAL B 159 23.97 4.63 19.34
CA VAL B 159 25.05 5.05 20.28
C VAL B 159 26.17 5.67 19.45
N TRP B 160 26.62 6.85 19.89
CA TRP B 160 27.50 7.77 19.12
C TRP B 160 28.84 7.92 19.83
N ASP B 161 29.95 7.74 19.10
CA ASP B 161 31.27 8.32 19.48
C ASP B 161 31.32 9.76 18.97
N LEU B 162 31.22 10.72 19.89
CA LEU B 162 31.25 12.19 19.65
C LEU B 162 32.62 12.61 19.12
N ALA B 163 33.68 12.10 19.75
CA ALA B 163 35.08 12.34 19.34
C ALA B 163 35.30 11.89 17.89
N GLN B 164 34.77 10.73 17.49
CA GLN B 164 35.02 10.14 16.15
C GLN B 164 33.90 10.50 15.16
N GLN B 165 32.79 11.06 15.63
CA GLN B 165 31.65 11.49 14.77
C GLN B 165 31.15 10.26 13.99
N VAL B 166 30.77 9.18 14.71
CA VAL B 166 30.18 7.95 14.10
C VAL B 166 29.22 7.26 15.08
N VAL B 167 28.41 6.36 14.49
CA VAL B 167 27.49 5.42 15.20
C VAL B 167 28.27 4.15 15.56
N LEU B 168 28.40 3.83 16.85
CA LEU B 168 29.05 2.58 17.32
C LEU B 168 28.03 1.45 17.24
N SER B 169 26.88 1.66 17.90
CA SER B 169 25.72 0.74 17.93
C SER B 169 24.51 1.40 17.27
N SER B 170 23.56 0.57 16.80
CA SER B 170 22.22 0.98 16.33
C SER B 170 21.21 -0.12 16.67
N TYR B 171 20.22 0.18 17.51
CA TYR B 171 19.27 -0.81 18.05
C TYR B 171 17.85 -0.52 17.56
N ARG B 172 17.24 -1.53 16.92
CA ARG B 172 15.77 -1.61 16.73
C ARG B 172 15.18 -2.50 17.84
N ALA B 173 15.19 -2.00 19.07
CA ALA B 173 14.57 -2.65 20.24
C ALA B 173 13.06 -2.53 20.13
N HIS B 174 12.58 -1.33 19.81
CA HIS B 174 11.15 -0.94 19.91
C HIS B 174 10.40 -1.31 18.63
N ALA B 175 9.07 -1.16 18.65
CA ALA B 175 8.13 -1.46 17.54
C ALA B 175 7.30 -0.22 17.14
N ALA B 176 7.53 0.91 17.80
CA ALA B 176 6.98 2.24 17.43
C ALA B 176 8.07 3.29 17.66
N GLN B 177 7.74 4.55 17.37
CA GLN B 177 8.68 5.68 17.48
C GLN B 177 9.17 5.77 18.94
N VAL B 178 10.42 6.19 19.10
CA VAL B 178 11.12 6.34 20.40
C VAL B 178 10.83 7.76 20.90
N THR B 179 10.36 7.89 22.13
CA THR B 179 9.88 9.16 22.72
C THR B 179 11.03 9.84 23.47
N CYS B 180 11.76 9.09 24.31
N CYS B 180 11.68 9.14 24.41
CA CYS B 180 12.76 9.60 25.29
CA CYS B 180 12.79 9.65 25.27
C CYS B 180 13.94 8.63 25.39
C CYS B 180 13.94 8.65 25.30
N VAL B 181 15.15 9.17 25.51
CA VAL B 181 16.35 8.36 25.87
C VAL B 181 17.09 9.19 26.91
N ALA B 182 17.43 8.59 28.05
CA ALA B 182 18.08 9.24 29.21
C ALA B 182 19.24 8.35 29.70
N ALA B 183 20.50 8.84 29.55
CA ALA B 183 21.73 8.17 30.02
C ALA B 183 21.71 8.15 31.54
N SER B 184 22.10 7.05 32.17
CA SER B 184 22.32 7.01 33.64
C SER B 184 23.32 8.10 33.99
N PRO B 185 23.16 8.73 35.19
CA PRO B 185 24.12 9.71 35.69
C PRO B 185 25.59 9.23 35.62
N HIS B 186 25.92 8.05 36.17
CA HIS B 186 27.32 7.66 36.47
C HIS B 186 27.82 6.44 35.68
N LYS B 187 26.99 5.87 34.79
CA LYS B 187 27.31 4.60 34.08
C LYS B 187 27.21 4.81 32.57
N ASP B 188 28.34 4.72 31.87
CA ASP B 188 28.52 5.17 30.46
C ASP B 188 28.03 4.08 29.49
N SER B 189 27.57 2.95 30.04
CA SER B 189 27.01 1.79 29.29
C SER B 189 25.52 1.64 29.62
N VAL B 190 24.95 2.53 30.43
CA VAL B 190 23.54 2.39 30.90
C VAL B 190 22.71 3.62 30.51
N PHE B 191 21.48 3.38 30.07
CA PHE B 191 20.46 4.41 29.74
C PHE B 191 19.08 3.77 29.65
N LEU B 192 18.08 4.63 29.80
CA LEU B 192 16.65 4.29 29.68
C LEU B 192 16.21 4.74 28.30
N SER B 193 15.22 4.06 27.73
CA SER B 193 14.45 4.51 26.55
C SER B 193 12.97 4.25 26.80
N CYS B 194 12.07 5.01 26.17
CA CYS B 194 10.63 4.66 26.12
C CYS B 194 10.05 5.04 24.76
N SER B 195 8.93 4.40 24.43
CA SER B 195 8.38 4.31 23.06
C SER B 195 6.87 4.22 23.16
N GLU B 196 6.19 4.55 22.06
CA GLU B 196 4.73 4.37 21.94
C GLU B 196 4.39 2.89 21.78
N ASP B 197 5.38 2.00 21.63
CA ASP B 197 5.17 0.53 21.68
C ASP B 197 4.90 0.13 23.14
N ASN B 198 4.84 1.10 24.05
CA ASN B 198 4.45 0.95 25.48
C ASN B 198 5.55 0.25 26.29
N ARG B 199 6.76 0.16 25.76
CA ARG B 199 7.92 -0.44 26.46
C ARG B 199 8.80 0.65 27.07
N ILE B 200 9.13 0.51 28.35
CA ILE B 200 10.32 1.17 28.95
C ILE B 200 11.46 0.16 28.94
N LEU B 201 12.59 0.51 28.33
CA LEU B 201 13.80 -0.34 28.25
C LEU B 201 14.91 0.24 29.14
N LEU B 202 15.43 -0.58 30.04
CA LEU B 202 16.73 -0.38 30.74
C LEU B 202 17.82 -1.04 29.89
N TRP B 203 18.73 -0.24 29.35
CA TRP B 203 19.87 -0.71 28.53
C TRP B 203 21.12 -0.80 29.39
N ASP B 204 22.00 -1.72 29.00
CA ASP B 204 23.41 -1.85 29.45
C ASP B 204 24.17 -2.47 28.29
N THR B 205 25.03 -1.71 27.61
CA THR B 205 25.68 -2.15 26.36
C THR B 205 26.68 -3.28 26.63
N ARG B 206 26.98 -3.60 27.90
CA ARG B 206 27.96 -4.65 28.28
C ARG B 206 27.33 -6.04 28.09
N CYS B 207 25.99 -6.11 28.12
CA CYS B 207 25.21 -7.37 27.94
C CYS B 207 25.03 -7.66 26.46
N PRO B 208 25.18 -8.94 26.04
CA PRO B 208 25.05 -9.31 24.63
C PRO B 208 23.67 -8.95 24.06
N LYS B 209 22.60 -9.13 24.85
CA LYS B 209 21.26 -8.54 24.61
C LYS B 209 21.11 -7.32 25.53
N PRO B 210 21.41 -6.10 25.03
CA PRO B 210 21.60 -4.92 25.87
C PRO B 210 20.35 -4.41 26.58
N ALA B 211 19.20 -4.65 25.98
CA ALA B 211 17.91 -4.07 26.40
C ALA B 211 17.24 -5.01 27.41
N SER B 212 16.66 -4.44 28.46
CA SER B 212 15.79 -5.19 29.39
C SER B 212 14.51 -4.37 29.62
N GLN B 213 13.38 -4.97 29.27
CA GLN B 213 12.05 -4.36 29.42
C GLN B 213 11.72 -4.28 30.91
N ILE B 214 11.51 -3.07 31.43
CA ILE B 214 11.23 -2.77 32.88
C ILE B 214 9.87 -2.06 32.98
N GLY B 215 9.34 -1.86 34.20
CA GLY B 215 8.16 -1.04 34.48
C GLY B 215 7.08 -1.79 35.28
N CYS B 216 5.93 -1.15 35.53
CA CYS B 216 4.88 -1.62 36.47
C CYS B 216 4.33 -3.00 36.09
N SER B 217 3.65 -3.63 37.04
CA SER B 217 2.92 -4.93 36.91
C SER B 217 2.12 -4.95 35.61
N ALA B 218 1.01 -4.19 35.55
CA ALA B 218 0.09 -4.12 34.39
C ALA B 218 0.65 -3.14 33.37
N PRO B 219 0.54 -3.44 32.04
CA PRO B 219 0.66 -2.42 31.01
C PRO B 219 -0.36 -1.30 31.28
N GLY B 220 0.16 -0.06 31.40
CA GLY B 220 -0.63 1.16 31.59
C GLY B 220 -0.53 2.06 30.38
N TYR B 221 -0.55 3.38 30.58
CA TYR B 221 -0.60 4.40 29.50
C TYR B 221 0.81 4.65 28.97
N LEU B 222 0.90 4.93 27.67
CA LEU B 222 2.22 5.10 27.00
C LEU B 222 3.10 6.02 27.84
N PRO B 223 4.38 5.64 28.00
CA PRO B 223 5.37 6.46 28.67
C PRO B 223 5.95 7.55 27.75
N THR B 224 6.11 8.76 28.30
CA THR B 224 6.30 10.03 27.53
C THR B 224 7.57 10.76 27.99
N SER B 225 8.06 10.54 29.21
CA SER B 225 9.20 11.27 29.82
C SER B 225 9.93 10.39 30.85
N LEU B 226 11.25 10.57 30.98
CA LEU B 226 12.15 9.79 31.88
C LEU B 226 13.18 10.73 32.53
N ALA B 227 13.42 10.55 33.82
CA ALA B 227 14.54 11.17 34.57
C ALA B 227 15.05 10.20 35.66
N TRP B 228 16.30 9.76 35.55
CA TRP B 228 17.03 9.08 36.66
C TRP B 228 17.07 10.01 37.87
N HIS B 229 16.88 9.48 39.09
CA HIS B 229 17.27 10.17 40.34
C HIS B 229 18.76 10.47 40.26
N PRO B 230 19.21 11.71 40.59
CA PRO B 230 20.60 12.12 40.37
C PRO B 230 21.56 11.40 41.34
N GLN B 231 21.06 10.95 42.49
CA GLN B 231 21.86 10.28 43.56
C GLN B 231 21.73 8.75 43.46
N GLN B 232 20.51 8.23 43.54
CA GLN B 232 20.21 6.78 43.64
C GLN B 232 20.08 6.22 42.22
N SER B 233 21.19 5.80 41.59
CA SER B 233 21.24 5.45 40.14
C SER B 233 20.66 4.04 39.88
N GLU B 234 19.68 3.62 40.70
CA GLU B 234 18.80 2.43 40.44
C GLU B 234 17.31 2.81 40.59
N VAL B 235 16.99 4.08 40.86
CA VAL B 235 15.60 4.62 40.74
C VAL B 235 15.58 5.71 39.64
N PHE B 236 14.41 5.81 38.98
CA PHE B 236 14.09 6.86 38.00
C PHE B 236 12.58 7.12 38.08
N VAL B 237 12.15 8.26 37.57
CA VAL B 237 10.71 8.58 37.38
C VAL B 237 10.39 8.56 35.88
N PHE B 238 9.21 8.07 35.51
CA PHE B 238 8.65 8.25 34.16
C PHE B 238 7.29 8.96 34.27
N GLY B 239 6.96 9.72 33.24
CA GLY B 239 5.64 10.33 33.06
C GLY B 239 4.94 9.68 31.89
N ASP B 240 3.62 9.58 31.93
CA ASP B 240 2.84 8.88 30.87
C ASP B 240 2.03 9.93 30.10
N GLU B 241 1.34 9.46 29.05
CA GLU B 241 0.50 10.27 28.13
C GLU B 241 -0.82 10.69 28.82
N ASN B 242 -1.11 10.19 30.02
CA ASN B 242 -2.35 10.46 30.78
C ASN B 242 -2.07 11.37 31.98
N GLY B 243 -0.86 11.95 32.05
CA GLY B 243 -0.51 13.02 33.01
C GLY B 243 -0.07 12.51 34.38
N THR B 244 0.10 11.19 34.54
CA THR B 244 0.61 10.53 35.77
C THR B 244 2.14 10.51 35.73
N VAL B 245 2.75 10.90 36.85
CA VAL B 245 4.21 10.76 37.11
C VAL B 245 4.38 9.58 38.08
N SER B 246 5.36 8.72 37.79
CA SER B 246 5.60 7.42 38.48
C SER B 246 7.10 7.26 38.83
N LEU B 247 7.35 6.83 40.07
CA LEU B 247 8.69 6.60 40.68
C LEU B 247 8.98 5.09 40.68
N VAL B 248 10.06 4.68 40.02
CA VAL B 248 10.38 3.25 39.76
C VAL B 248 11.75 2.90 40.37
N ASP B 249 11.85 1.65 40.84
CA ASP B 249 13.07 1.01 41.40
C ASP B 249 13.49 -0.11 40.44
N THR B 250 14.62 0.03 39.74
CA THR B 250 15.18 -1.04 38.87
C THR B 250 15.26 -2.33 39.68
N LYS B 251 15.81 -2.26 40.91
CA LYS B 251 15.99 -3.39 41.86
C LYS B 251 14.69 -4.19 41.96
N SER B 252 13.71 -3.68 42.74
CA SER B 252 12.41 -4.35 43.03
C SER B 252 11.55 -4.41 41.76
N THR B 253 12.00 -3.75 40.68
CA THR B 253 11.49 -3.88 39.29
C THR B 253 9.96 -3.76 39.31
N SER B 254 9.43 -2.98 40.26
CA SER B 254 7.97 -2.78 40.48
C SER B 254 7.71 -1.30 40.80
N CYS B 255 6.48 -0.84 40.56
CA CYS B 255 6.13 0.60 40.51
C CYS B 255 5.81 1.09 41.92
N VAL B 256 6.74 1.91 42.45
CA VAL B 256 6.80 2.37 43.87
C VAL B 256 5.63 3.32 44.09
N LEU B 257 5.78 4.57 43.66
CA LEU B 257 4.79 5.65 43.85
C LEU B 257 4.36 6.22 42.49
N SER B 258 3.17 6.79 42.43
CA SER B 258 2.64 7.50 41.25
C SER B 258 1.58 8.48 41.71
N SER B 259 1.62 9.72 41.21
CA SER B 259 0.52 10.69 41.36
C SER B 259 0.06 11.17 39.97
N ALA B 260 -1.25 11.40 39.82
CA ALA B 260 -1.87 12.09 38.66
C ALA B 260 -1.59 13.59 38.81
N VAL B 261 -0.52 14.09 38.18
CA VAL B 261 0.04 15.46 38.40
C VAL B 261 -0.56 16.43 37.37
N HIS B 262 -0.80 15.94 36.16
CA HIS B 262 -1.18 16.77 34.98
C HIS B 262 -2.50 16.22 34.40
N SER B 263 -3.22 17.06 33.66
CA SER B 263 -4.48 16.76 32.93
C SER B 263 -4.17 16.41 31.47
N GLN B 264 -2.90 16.44 31.09
CA GLN B 264 -2.40 16.06 29.75
C GLN B 264 -1.04 15.38 29.90
N CYS B 265 -0.56 14.81 28.80
CA CYS B 265 0.71 14.03 28.72
C CYS B 265 1.82 14.81 29.45
N VAL B 266 2.62 14.11 30.27
CA VAL B 266 3.83 14.67 30.94
C VAL B 266 4.99 14.66 29.94
N THR B 267 5.49 15.83 29.53
CA THR B 267 6.47 15.96 28.40
C THR B 267 7.91 15.90 28.93
N GLY B 268 8.15 16.41 30.15
CA GLY B 268 9.49 16.52 30.74
C GLY B 268 9.50 16.30 32.26
N LEU B 269 10.57 15.69 32.77
CA LEU B 269 10.79 15.52 34.23
C LEU B 269 12.23 15.91 34.56
N VAL B 270 12.41 16.87 35.46
CA VAL B 270 13.72 17.48 35.78
C VAL B 270 13.87 17.55 37.31
N PHE B 271 14.93 16.92 37.84
CA PHE B 271 15.30 16.94 39.27
C PHE B 271 16.18 18.16 39.56
N SER B 272 15.89 18.84 40.67
CA SER B 272 16.67 20.01 41.16
C SER B 272 18.10 19.58 41.47
N PRO B 273 19.03 20.51 41.71
CA PRO B 273 20.38 20.17 42.15
C PRO B 273 20.49 19.93 43.66
N HIS B 274 19.42 20.17 44.44
CA HIS B 274 19.35 20.11 45.92
C HIS B 274 19.82 18.75 46.46
N SER B 275 20.20 18.71 47.75
CA SER B 275 20.64 17.49 48.49
C SER B 275 19.57 16.41 48.38
N VAL B 276 18.42 16.62 49.01
CA VAL B 276 17.15 15.91 48.68
C VAL B 276 16.51 16.70 47.53
N PRO B 277 16.57 16.21 46.27
CA PRO B 277 16.23 17.03 45.10
C PRO B 277 14.73 17.06 44.83
N PHE B 278 14.26 18.23 44.39
CA PHE B 278 12.87 18.51 43.93
C PHE B 278 12.71 18.06 42.48
N LEU B 279 11.51 17.59 42.14
CA LEU B 279 11.15 17.15 40.76
C LEU B 279 10.26 18.21 40.12
N ALA B 280 10.76 18.82 39.05
CA ALA B 280 10.01 19.70 38.12
C ALA B 280 9.30 18.85 37.07
N SER B 281 7.98 19.04 36.95
CA SER B 281 7.07 18.28 36.06
C SER B 281 6.40 19.25 35.08
N LEU B 282 6.61 19.04 33.77
CA LEU B 282 6.01 19.90 32.72
C LEU B 282 5.10 19.07 31.80
N SER B 283 4.05 19.69 31.29
CA SER B 283 2.93 19.03 30.57
C SER B 283 2.43 19.89 29.41
N GLU B 284 1.66 19.26 28.52
CA GLU B 284 0.92 19.91 27.41
C GLU B 284 -0.33 20.60 27.96
N ASP B 285 -0.63 20.41 29.25
CA ASP B 285 -1.67 21.16 29.99
C ASP B 285 -1.15 22.58 30.30
N CYS B 286 0.08 22.89 29.87
CA CYS B 286 0.70 24.25 29.89
C CYS B 286 1.14 24.63 31.32
N SER B 287 1.07 23.69 32.27
CA SER B 287 1.39 23.96 33.70
C SER B 287 2.77 23.38 34.03
N LEU B 288 3.40 23.96 35.05
CA LEU B 288 4.57 23.40 35.78
C LEU B 288 4.06 22.92 37.14
N ALA B 289 4.50 21.75 37.56
CA ALA B 289 4.44 21.28 38.96
C ALA B 289 5.87 21.05 39.48
N VAL B 290 6.08 21.33 40.75
CA VAL B 290 7.33 20.95 41.47
C VAL B 290 6.91 20.00 42.60
N LEU B 291 7.53 18.83 42.63
CA LEU B 291 7.16 17.74 43.57
C LEU B 291 8.34 17.44 44.50
N ASP B 292 8.02 17.04 45.73
CA ASP B 292 8.98 16.47 46.70
C ASP B 292 9.24 15.00 46.34
N SER B 293 10.03 14.31 47.16
CA SER B 293 10.49 12.93 46.93
C SER B 293 9.28 11.98 46.88
N SER B 294 8.24 12.25 47.68
CA SER B 294 7.04 11.38 47.79
C SER B 294 6.03 11.67 46.67
N LEU B 295 6.39 12.55 45.72
CA LEU B 295 5.61 12.88 44.49
C LEU B 295 4.38 13.73 44.85
N SER B 296 4.41 14.38 46.03
CA SER B 296 3.42 15.39 46.51
C SER B 296 3.67 16.73 45.82
N GLU B 297 2.63 17.57 45.72
CA GLU B 297 2.68 18.87 45.01
C GLU B 297 3.13 19.97 45.98
N LEU B 298 4.23 20.63 45.66
CA LEU B 298 4.75 21.81 46.41
C LEU B 298 4.24 23.07 45.70
N PHE B 299 4.82 23.36 44.53
CA PHE B 299 4.56 24.55 43.67
C PHE B 299 3.78 24.11 42.42
N ARG B 300 3.26 25.08 41.68
CA ARG B 300 2.59 24.89 40.36
C ARG B 300 2.49 26.26 39.68
N SER B 301 2.85 26.35 38.40
CA SER B 301 2.88 27.63 37.63
C SER B 301 2.05 27.51 36.34
N GLN B 302 1.01 28.34 36.25
CA GLN B 302 0.17 28.56 35.04
C GLN B 302 0.81 29.63 34.13
N ALA B 303 1.96 30.18 34.50
CA ALA B 303 2.61 31.33 33.83
C ALA B 303 2.49 31.20 32.31
N HIS B 304 2.62 29.99 31.79
CA HIS B 304 2.64 29.70 30.33
C HIS B 304 1.20 29.64 29.77
N ARG B 305 1.03 30.03 28.51
CA ARG B 305 -0.28 29.93 27.84
C ARG B 305 -0.16 29.13 26.54
N ASP B 306 0.94 28.38 26.38
CA ASP B 306 1.06 27.26 25.40
C ASP B 306 1.80 26.11 26.10
N PHE B 307 2.17 25.07 25.36
CA PHE B 307 2.92 23.87 25.84
C PHE B 307 4.25 24.27 26.47
N VAL B 308 4.48 23.79 27.70
CA VAL B 308 5.75 23.89 28.47
C VAL B 308 6.70 22.80 27.96
N ARG B 309 7.90 23.18 27.52
CA ARG B 309 8.81 22.30 26.74
C ARG B 309 10.02 21.83 27.56
N ASP B 310 10.61 22.66 28.43
CA ASP B 310 11.83 22.29 29.20
C ASP B 310 11.79 22.98 30.58
N ALA B 311 12.68 22.57 31.48
CA ALA B 311 13.00 23.24 32.76
C ALA B 311 14.49 23.01 33.09
N THR B 312 15.22 24.06 33.47
CA THR B 312 16.57 23.97 34.10
C THR B 312 16.59 24.79 35.40
N TRP B 313 17.19 24.19 36.42
CA TRP B 313 17.49 24.85 37.72
C TRP B 313 18.80 25.62 37.57
N SER B 314 18.83 26.90 37.94
CA SER B 314 20.09 27.68 38.03
C SER B 314 21.09 26.87 38.86
N PRO B 315 22.36 26.72 38.39
CA PRO B 315 23.44 26.17 39.21
C PRO B 315 23.81 27.19 40.28
N LEU B 316 23.67 28.47 39.95
CA LEU B 316 23.98 29.62 40.84
C LEU B 316 22.91 29.69 41.93
N ASN B 317 21.63 29.75 41.56
CA ASN B 317 20.52 29.80 42.57
C ASN B 317 19.64 28.56 42.43
N HIS B 318 19.83 27.57 43.31
CA HIS B 318 19.10 26.28 43.30
C HIS B 318 17.60 26.48 43.63
N SER B 319 17.14 27.70 43.96
CA SER B 319 15.69 28.00 44.16
C SER B 319 15.07 28.56 42.87
N LEU B 320 15.92 28.96 41.91
CA LEU B 320 15.54 29.45 40.56
C LEU B 320 15.32 28.26 39.65
N LEU B 321 14.16 28.20 38.97
CA LEU B 321 13.78 27.19 37.95
C LEU B 321 13.28 27.90 36.69
N THR B 322 13.93 27.69 35.54
CA THR B 322 13.67 28.43 34.27
C THR B 322 12.91 27.50 33.32
N THR B 323 11.70 27.88 32.90
CA THR B 323 10.84 27.13 31.94
C THR B 323 10.75 27.89 30.62
N VAL B 324 10.67 27.16 29.52
CA VAL B 324 10.31 27.73 28.19
C VAL B 324 9.08 26.98 27.66
N GLY B 325 8.33 27.65 26.78
CA GLY B 325 7.09 27.13 26.15
C GLY B 325 6.99 27.53 24.70
N TRP B 326 6.00 27.01 23.99
CA TRP B 326 5.72 27.36 22.58
C TRP B 326 5.11 28.76 22.49
N ASP B 327 4.54 29.27 23.58
CA ASP B 327 4.15 30.71 23.74
C ASP B 327 5.40 31.62 23.73
N HIS B 328 6.61 31.08 23.51
CA HIS B 328 7.86 31.88 23.34
C HIS B 328 8.22 32.65 24.61
N GLN B 329 7.63 32.29 25.76
CA GLN B 329 8.00 32.82 27.10
C GLN B 329 9.19 32.04 27.66
N VAL B 330 10.24 32.76 28.10
CA VAL B 330 11.28 32.27 29.04
C VAL B 330 10.86 32.74 30.44
N VAL B 331 10.44 31.84 31.33
CA VAL B 331 9.97 32.20 32.70
C VAL B 331 10.95 31.68 33.74
N HIS B 332 11.32 32.55 34.69
CA HIS B 332 12.17 32.28 35.87
C HIS B 332 11.27 32.10 37.09
N HIS B 333 11.23 30.89 37.65
CA HIS B 333 10.41 30.54 38.84
C HIS B 333 11.29 30.57 40.11
N VAL B 334 10.74 31.13 41.20
CA VAL B 334 11.29 31.01 42.59
C VAL B 334 10.48 29.91 43.27
N VAL B 335 11.17 28.83 43.68
CA VAL B 335 10.54 27.60 44.23
C VAL B 335 10.72 27.62 45.74
N PRO B 336 9.62 27.70 46.51
CA PRO B 336 9.70 27.77 47.98
C PRO B 336 9.78 26.40 48.65
#